data_6DXE
#
_entry.id   6DXE
#
_cell.length_a   72.800
_cell.length_b   55.900
_cell.length_c   100.210
_cell.angle_alpha   90.000
_cell.angle_beta   92.510
_cell.angle_gamma   90.000
#
_symmetry.space_group_name_H-M   'P 1 21 1'
#
loop_
_entity.id
_entity.type
_entity.pdbx_description
1 polymer 'Chalcone synthase'
2 water water
#
_entity_poly.entity_id   1
_entity_poly.type   'polypeptide(L)'
_entity_poly.pdbx_seq_one_letter_code
;MVMAGASSLDEIRQAQRADGPAGILAIGTANPENHVLQAEYPDYYFRITNSEHMTDLKEKFKRICDKSTIRKRHMHLTEE
FLKENPHMCAYMAPSLDTRQDIVVVEVPKLGKEAAVKAIKEWGQPKSKITHVVFCTTSGVDMPGADYQLTKLLGLRPSVK
RLMMYQQG(CSO)SAGATVLRIAKDLAENNRGARVLVVCSEITAVTFRGPSDTHLDGLVGAALFSDGAAALIVGSDPDTS
VGEKPIFEMVSAAQTILPDSDGAIDGHLREVGLVFHLLKDVPGLISKNIVKSLDEAFKPLGISDWNSLFWIAHPGGPAIL
DQVEIKLGLKEEKMRATRHVLSEYGNMSSASVLFILDEMRRKSAKDGVATTGEGLEWGVLFGFGPGLTVETVVLHSVPL
;
_entity_poly.pdbx_strand_id   A,C
#
# COMPACT_ATOMS: atom_id res chain seq x y z
N SER A 7 2.27 33.57 -5.28
CA SER A 7 2.84 33.57 -6.63
C SER A 7 3.96 32.52 -6.73
N SER A 8 4.94 32.63 -5.83
CA SER A 8 6.12 31.77 -5.85
C SER A 8 5.77 30.36 -5.36
N LEU A 9 6.59 29.38 -5.75
CA LEU A 9 6.42 28.01 -5.26
C LEU A 9 6.57 27.93 -3.74
N ASP A 10 7.52 28.70 -3.20
CA ASP A 10 7.76 28.73 -1.77
C ASP A 10 6.48 29.16 -1.06
N GLU A 11 5.93 30.28 -1.52
CA GLU A 11 4.72 30.81 -0.90
C GLU A 11 3.59 29.81 -0.93
N ILE A 12 3.42 29.17 -2.08
CA ILE A 12 2.40 28.15 -2.27
C ILE A 12 2.55 27.06 -1.22
N ARG A 13 3.80 26.67 -0.97
CA ARG A 13 4.10 25.55 -0.09
C ARG A 13 3.75 25.87 1.36
N GLN A 14 4.07 27.07 1.84
CA GLN A 14 3.80 27.40 3.23
C GLN A 14 2.30 27.54 3.50
N ALA A 15 1.57 28.04 2.52
CA ALA A 15 0.12 28.12 2.62
C ALA A 15 -0.54 26.74 2.50
N GLN A 16 0.12 25.81 1.80
CA GLN A 16 -0.49 24.51 1.51
C GLN A 16 -0.44 23.55 2.68
N ARG A 17 0.58 23.74 3.54
CA ARG A 17 0.90 22.80 4.61
C ARG A 17 0.17 23.14 5.91
N ALA A 18 0.04 22.16 6.81
CA ALA A 18 -0.56 22.40 8.13
C ALA A 18 0.46 22.92 9.14
N ASP A 19 -0.01 23.40 10.29
CA ASP A 19 0.89 24.03 11.27
C ASP A 19 1.40 23.08 12.37
N GLY A 20 0.49 22.37 13.02
CA GLY A 20 0.85 21.56 14.18
C GLY A 20 0.95 20.05 13.96
N PRO A 21 1.18 19.31 15.04
CA PRO A 21 1.29 17.86 14.99
C PRO A 21 -0.05 17.18 14.69
N ALA A 22 0.01 16.07 13.98
CA ALA A 22 -1.20 15.30 13.69
C ALA A 22 -1.74 14.69 14.97
N GLY A 23 -3.04 14.84 15.16
CA GLY A 23 -3.75 14.33 16.32
C GLY A 23 -4.79 13.30 15.88
N ILE A 24 -5.03 12.36 16.78
CA ILE A 24 -6.09 11.36 16.60
C ILE A 24 -7.35 11.98 17.18
N LEU A 25 -8.29 12.37 16.31
CA LEU A 25 -9.46 13.13 16.70
C LEU A 25 -10.65 12.27 17.08
N ALA A 26 -10.58 11.00 16.72
CA ALA A 26 -11.68 10.06 16.95
C ALA A 26 -11.21 8.63 16.68
N ILE A 27 -11.80 7.69 17.39
CA ILE A 27 -11.48 6.26 17.27
C ILE A 27 -12.79 5.50 17.33
N GLY A 28 -13.04 4.69 16.31
CA GLY A 28 -14.20 3.81 16.30
C GLY A 28 -13.76 2.39 16.02
N THR A 29 -14.47 1.41 16.59
CA THR A 29 -14.13 0.01 16.35
C THR A 29 -15.37 -0.83 16.06
N ALA A 30 -15.11 -1.97 15.42
CA ALA A 30 -16.14 -2.94 15.10
C ALA A 30 -15.58 -4.36 15.00
N ASN A 31 -16.47 -5.33 15.24
CA ASN A 31 -16.12 -6.74 15.06
C ASN A 31 -17.33 -7.48 14.52
N PRO A 32 -17.08 -8.60 13.81
CA PRO A 32 -18.23 -9.47 13.52
C PRO A 32 -18.95 -9.82 14.82
N GLU A 33 -20.28 -9.89 14.79
CA GLU A 33 -21.03 -10.26 15.98
C GLU A 33 -20.72 -11.68 16.43
N ASN A 34 -20.57 -12.59 15.49
CA ASN A 34 -20.18 -13.97 15.78
C ASN A 34 -18.86 -14.06 16.51
N HIS A 35 -18.82 -14.80 17.61
CA HIS A 35 -17.57 -14.97 18.29
C HIS A 35 -17.51 -16.33 18.94
N VAL A 36 -16.28 -16.71 19.31
CA VAL A 36 -16.02 -17.99 19.92
C VAL A 36 -15.30 -17.72 21.24
N LEU A 37 -15.65 -18.48 22.28
CA LEU A 37 -14.87 -18.43 23.50
C LEU A 37 -13.70 -19.40 23.37
N GLN A 38 -12.53 -18.94 23.79
CA GLN A 38 -11.31 -19.68 23.57
C GLN A 38 -11.42 -21.03 24.30
N ALA A 39 -12.11 -21.05 25.43
CA ALA A 39 -12.26 -22.28 26.18
C ALA A 39 -12.96 -23.38 25.36
N GLU A 40 -13.78 -22.97 24.39
CA GLU A 40 -14.52 -23.94 23.57
C GLU A 40 -13.89 -24.14 22.20
N TYR A 41 -12.81 -23.42 21.90
CA TYR A 41 -12.34 -23.40 20.52
C TYR A 41 -11.64 -24.71 20.09
N PRO A 42 -10.83 -25.32 20.95
CA PRO A 42 -10.24 -26.58 20.46
C PRO A 42 -11.26 -27.65 20.00
N ASP A 43 -12.31 -27.84 20.79
CA ASP A 43 -13.33 -28.80 20.41
C ASP A 43 -14.02 -28.42 19.08
N TYR A 44 -14.36 -27.14 18.97
CA TYR A 44 -15.00 -26.62 17.78
C TYR A 44 -14.12 -26.74 16.54
N TYR A 45 -12.87 -26.30 16.67
CA TYR A 45 -11.92 -26.25 15.56
C TYR A 45 -11.66 -27.64 15.02
N PHE A 46 -11.37 -28.58 15.90
CA PHE A 46 -11.06 -29.93 15.43
C PHE A 46 -12.30 -30.65 14.90
N ARG A 47 -13.48 -30.27 15.38
CA ARG A 47 -14.74 -30.88 14.88
C ARG A 47 -15.08 -30.38 13.46
N ILE A 48 -15.10 -29.06 13.28
CA ILE A 48 -15.56 -28.48 12.02
C ILE A 48 -14.54 -28.74 10.90
N THR A 49 -13.28 -29.02 11.26
CA THR A 49 -12.27 -29.35 10.26
C THR A 49 -12.10 -30.85 10.09
N ASN A 50 -13.07 -31.62 10.58
CA ASN A 50 -13.01 -33.08 10.48
C ASN A 50 -11.68 -33.68 10.92
N SER A 51 -11.17 -33.21 12.06
CA SER A 51 -9.83 -33.57 12.53
C SER A 51 -9.84 -34.27 13.89
N GLU A 52 -10.99 -34.81 14.27
CA GLU A 52 -11.15 -35.31 15.64
C GLU A 52 -10.28 -36.57 15.87
N HIS A 53 -9.90 -37.24 14.79
CA HIS A 53 -8.97 -38.37 14.88
C HIS A 53 -7.53 -37.97 15.24
N MET A 54 -7.22 -36.68 15.16
CA MET A 54 -5.88 -36.18 15.47
C MET A 54 -5.78 -35.89 16.96
N THR A 55 -5.91 -36.94 17.75
CA THR A 55 -6.02 -36.83 19.21
C THR A 55 -4.87 -36.08 19.88
N ASP A 56 -3.65 -36.49 19.56
CA ASP A 56 -2.47 -35.87 20.12
C ASP A 56 -2.33 -34.43 19.67
N LEU A 57 -2.67 -34.14 18.42
CA LEU A 57 -2.52 -32.77 17.91
C LEU A 57 -3.56 -31.86 18.56
N LYS A 58 -4.74 -32.40 18.85
CA LYS A 58 -5.78 -31.61 19.51
C LYS A 58 -5.34 -31.23 20.94
N GLU A 59 -4.71 -32.16 21.64
CA GLU A 59 -4.23 -31.87 22.98
C GLU A 59 -3.19 -30.75 22.92
N LYS A 60 -2.32 -30.80 21.91
CA LYS A 60 -1.29 -29.77 21.71
C LYS A 60 -1.96 -28.41 21.53
N PHE A 61 -3.01 -28.39 20.72
CA PHE A 61 -3.74 -27.15 20.45
C PHE A 61 -4.45 -26.62 21.67
N LYS A 62 -4.97 -27.51 22.52
CA LYS A 62 -5.58 -27.08 23.78
C LYS A 62 -4.54 -26.37 24.63
N ARG A 63 -3.33 -26.94 24.67
CA ARG A 63 -2.29 -26.35 25.47
C ARG A 63 -1.94 -24.96 24.94
N ILE A 64 -1.90 -24.82 23.62
CA ILE A 64 -1.58 -23.54 23.01
C ILE A 64 -2.66 -22.52 23.30
N CYS A 65 -3.90 -22.93 23.16
CA CYS A 65 -5.03 -22.04 23.47
C CYS A 65 -5.02 -21.62 24.95
N ASP A 66 -4.70 -22.55 25.85
CA ASP A 66 -4.62 -22.21 27.26
C ASP A 66 -3.51 -21.20 27.51
N LYS A 67 -2.39 -21.35 26.83
CA LYS A 67 -1.28 -20.42 26.98
C LYS A 67 -1.55 -19.02 26.39
N SER A 68 -2.49 -18.94 25.45
CA SER A 68 -2.67 -17.71 24.69
C SER A 68 -3.13 -16.52 25.54
N THR A 69 -3.79 -16.82 26.65
CA THR A 69 -4.48 -15.85 27.52
C THR A 69 -5.66 -15.16 26.84
N ILE A 70 -6.07 -15.66 25.68
CA ILE A 70 -7.19 -15.10 24.99
C ILE A 70 -8.47 -15.68 25.59
N ARG A 71 -9.51 -14.85 25.79
CA ARG A 71 -10.83 -15.33 26.28
C ARG A 71 -11.84 -15.44 25.17
N LYS A 72 -11.86 -14.46 24.28
CA LYS A 72 -12.88 -14.35 23.23
C LYS A 72 -12.27 -13.85 21.94
N ARG A 73 -12.74 -14.36 20.81
CA ARG A 73 -12.33 -13.90 19.47
C ARG A 73 -13.55 -13.80 18.59
N HIS A 74 -13.68 -12.68 17.87
CA HIS A 74 -14.76 -12.51 16.90
C HIS A 74 -14.30 -13.05 15.55
N MET A 75 -15.23 -13.75 14.89
N MET A 75 -15.21 -13.77 14.90
CA MET A 75 -14.93 -14.49 13.68
CA MET A 75 -14.89 -14.42 13.64
C MET A 75 -16.07 -14.33 12.67
C MET A 75 -16.05 -14.31 12.67
N HIS A 76 -15.76 -13.77 11.51
CA HIS A 76 -16.76 -13.69 10.46
C HIS A 76 -17.23 -15.08 10.02
N LEU A 77 -16.27 -15.99 9.85
CA LEU A 77 -16.59 -17.38 9.50
C LEU A 77 -17.48 -18.06 10.52
N THR A 78 -18.62 -18.58 10.07
CA THR A 78 -19.53 -19.32 10.92
C THR A 78 -19.45 -20.80 10.64
N GLU A 79 -19.82 -21.60 11.63
CA GLU A 79 -19.95 -23.04 11.46
C GLU A 79 -20.85 -23.37 10.31
N GLU A 80 -21.97 -22.66 10.20
CA GLU A 80 -22.91 -22.91 9.11
C GLU A 80 -22.28 -22.69 7.75
N PHE A 81 -21.49 -21.62 7.61
CA PHE A 81 -20.81 -21.36 6.34
C PHE A 81 -19.74 -22.42 6.05
N LEU A 82 -18.93 -22.74 7.06
CA LEU A 82 -17.86 -23.71 6.86
C LEU A 82 -18.37 -25.11 6.49
N LYS A 83 -19.57 -25.47 6.94
CA LYS A 83 -20.13 -26.76 6.60
C LYS A 83 -20.41 -26.87 5.09
N GLU A 84 -20.64 -25.74 4.46
CA GLU A 84 -20.93 -25.68 3.02
C GLU A 84 -19.66 -25.53 2.18
N ASN A 85 -18.52 -25.33 2.84
CA ASN A 85 -17.26 -25.04 2.17
C ASN A 85 -16.12 -25.87 2.76
N PRO A 86 -16.17 -27.20 2.55
CA PRO A 86 -15.18 -28.13 3.10
C PRO A 86 -13.75 -27.88 2.63
N HIS A 87 -13.59 -27.27 1.46
CA HIS A 87 -12.28 -26.98 0.94
C HIS A 87 -11.58 -25.89 1.77
N MET A 88 -12.35 -25.09 2.50
CA MET A 88 -11.75 -24.14 3.41
C MET A 88 -11.44 -24.77 4.77
N CYS A 89 -12.16 -25.85 5.12
CA CYS A 89 -11.91 -26.62 6.35
C CYS A 89 -10.74 -27.60 6.23
N ALA A 90 -10.42 -27.98 5.01
CA ALA A 90 -9.25 -28.84 4.75
C ALA A 90 -7.95 -28.12 5.09
N TYR A 91 -6.88 -28.89 5.24
CA TYR A 91 -5.59 -28.30 5.59
C TYR A 91 -5.06 -27.46 4.42
N MET A 92 -4.97 -28.06 3.24
CA MET A 92 -4.42 -27.35 2.09
C MET A 92 -5.13 -27.68 0.81
N ALA A 93 -6.39 -27.28 0.71
CA ALA A 93 -7.10 -27.45 -0.54
C ALA A 93 -7.14 -26.11 -1.28
N PRO A 94 -7.28 -26.17 -2.61
CA PRO A 94 -7.44 -24.95 -3.41
C PRO A 94 -8.66 -24.21 -2.91
N SER A 95 -8.46 -22.96 -2.48
CA SER A 95 -9.52 -22.23 -1.79
C SER A 95 -9.37 -20.73 -1.83
N LEU A 96 -8.37 -20.23 -2.54
CA LEU A 96 -8.15 -18.77 -2.54
C LEU A 96 -9.32 -18.02 -3.14
N ASP A 97 -9.90 -18.54 -4.22
CA ASP A 97 -11.02 -17.84 -4.85
C ASP A 97 -12.16 -17.67 -3.86
N THR A 98 -12.50 -18.73 -3.14
CA THR A 98 -13.60 -18.65 -2.16
C THR A 98 -13.24 -17.65 -1.05
N ARG A 99 -12.00 -17.69 -0.60
CA ARG A 99 -11.54 -16.77 0.44
C ARG A 99 -11.62 -15.31 -0.03
N GLN A 100 -11.11 -15.05 -1.22
CA GLN A 100 -11.23 -13.72 -1.83
C GLN A 100 -12.68 -13.25 -1.94
N ASP A 101 -13.57 -14.12 -2.44
CA ASP A 101 -14.97 -13.76 -2.57
C ASP A 101 -15.56 -13.26 -1.24
N ILE A 102 -15.16 -13.88 -0.14
CA ILE A 102 -15.59 -13.42 1.18
C ILE A 102 -14.96 -12.05 1.52
N VAL A 103 -13.63 -11.98 1.56
CA VAL A 103 -12.98 -10.85 2.18
C VAL A 103 -13.03 -9.57 1.33
N VAL A 104 -13.19 -9.67 0.01
CA VAL A 104 -13.24 -8.45 -0.79
C VAL A 104 -14.56 -7.73 -0.51
N VAL A 105 -15.59 -8.46 -0.02
CA VAL A 105 -16.84 -7.82 0.41
C VAL A 105 -16.78 -7.48 1.90
N GLU A 106 -16.31 -8.42 2.73
CA GLU A 106 -16.52 -8.22 4.17
C GLU A 106 -15.50 -7.29 4.81
N VAL A 107 -14.32 -7.17 4.21
CA VAL A 107 -13.31 -6.30 4.81
C VAL A 107 -13.77 -4.84 4.75
N PRO A 108 -14.20 -4.35 3.58
CA PRO A 108 -14.69 -2.96 3.56
C PRO A 108 -16.00 -2.78 4.34
N LYS A 109 -16.82 -3.81 4.43
CA LYS A 109 -18.09 -3.68 5.16
C LYS A 109 -17.82 -3.46 6.67
N LEU A 110 -16.97 -4.29 7.24
CA LEU A 110 -16.56 -4.14 8.65
C LEU A 110 -15.81 -2.81 8.88
N GLY A 111 -14.96 -2.43 7.94
CA GLY A 111 -14.30 -1.15 8.00
C GLY A 111 -15.29 -0.01 8.02
N LYS A 112 -16.37 -0.13 7.25
CA LYS A 112 -17.38 0.92 7.24
C LYS A 112 -18.07 1.04 8.61
N GLU A 113 -18.34 -0.10 9.25
CA GLU A 113 -18.97 -0.06 10.57
C GLU A 113 -18.10 0.71 11.55
N ALA A 114 -16.79 0.45 11.55
CA ALA A 114 -15.88 1.19 12.43
C ALA A 114 -15.83 2.68 12.06
N ALA A 115 -15.77 2.97 10.75
CA ALA A 115 -15.62 4.33 10.28
C ALA A 115 -16.84 5.18 10.64
N VAL A 116 -18.04 4.61 10.52
CA VAL A 116 -19.24 5.34 10.88
C VAL A 116 -19.16 5.79 12.33
N LYS A 117 -18.69 4.90 13.18
CA LYS A 117 -18.55 5.22 14.61
C LYS A 117 -17.53 6.31 14.85
N ALA A 118 -16.38 6.22 14.17
CA ALA A 118 -15.38 7.26 14.28
C ALA A 118 -15.90 8.62 13.81
N ILE A 119 -16.61 8.60 12.69
CA ILE A 119 -17.07 9.86 12.09
C ILE A 119 -18.10 10.48 13.01
N LYS A 120 -18.94 9.66 13.64
CA LYS A 120 -19.96 10.20 14.56
C LYS A 120 -19.31 10.86 15.76
N GLU A 121 -18.28 10.22 16.31
CA GLU A 121 -17.57 10.78 17.46
C GLU A 121 -16.95 12.13 17.08
N TRP A 122 -16.25 12.12 15.96
CA TRP A 122 -15.64 13.34 15.42
C TRP A 122 -16.67 14.45 15.30
N GLY A 123 -17.83 14.09 14.77
CA GLY A 123 -18.98 14.99 14.77
C GLY A 123 -18.97 16.04 13.68
N GLN A 124 -18.08 15.91 12.70
CA GLN A 124 -18.01 16.84 11.58
C GLN A 124 -18.61 16.18 10.35
N PRO A 125 -18.92 16.96 9.31
CA PRO A 125 -19.52 16.40 8.08
C PRO A 125 -18.55 15.45 7.39
N LYS A 126 -19.05 14.34 6.85
CA LYS A 126 -18.11 13.39 6.22
C LYS A 126 -17.48 13.99 4.97
N SER A 127 -18.12 15.01 4.39
CA SER A 127 -17.54 15.71 3.27
C SER A 127 -16.24 16.43 3.62
N LYS A 128 -15.95 16.60 4.91
CA LYS A 128 -14.73 17.26 5.34
C LYS A 128 -13.50 16.30 5.29
N ILE A 129 -13.76 15.00 5.13
CA ILE A 129 -12.68 14.03 4.97
C ILE A 129 -12.00 14.22 3.63
N THR A 130 -10.68 14.41 3.66
CA THR A 130 -9.90 14.69 2.47
C THR A 130 -9.06 13.51 1.99
N HIS A 131 -8.79 12.57 2.90
CA HIS A 131 -7.92 11.44 2.64
C HIS A 131 -8.49 10.18 3.27
N VAL A 132 -8.24 9.04 2.63
CA VAL A 132 -8.62 7.74 3.13
C VAL A 132 -7.40 6.84 3.10
N VAL A 133 -7.04 6.26 4.24
CA VAL A 133 -5.97 5.26 4.31
C VAL A 133 -6.64 3.95 4.73
N PHE A 134 -6.59 2.94 3.87
CA PHE A 134 -7.21 1.64 4.15
C PHE A 134 -6.10 0.60 4.21
N CYS A 135 -6.13 -0.16 5.29
CA CYS A 135 -5.11 -1.17 5.55
C CYS A 135 -5.72 -2.52 5.86
N THR A 136 -5.23 -3.54 5.19
CA THR A 136 -5.66 -4.91 5.46
C THR A 136 -4.55 -5.93 5.12
N THR A 137 -4.67 -7.12 5.68
CA THR A 137 -3.83 -8.26 5.33
C THR A 137 -4.72 -9.37 4.79
N SER A 138 -6.00 -9.04 4.57
N SER A 138 -5.98 -9.04 4.51
CA SER A 138 -7.02 -10.00 4.21
CA SER A 138 -6.99 -10.04 4.22
C SER A 138 -7.54 -9.69 2.82
C SER A 138 -7.62 -9.82 2.85
N GLY A 139 -6.96 -10.33 1.81
CA GLY A 139 -7.47 -10.24 0.45
C GLY A 139 -6.89 -9.07 -0.32
N VAL A 140 -6.96 -9.13 -1.66
CA VAL A 140 -6.59 -7.98 -2.50
C VAL A 140 -7.58 -7.95 -3.66
N ASP A 141 -7.81 -6.76 -4.20
CA ASP A 141 -8.74 -6.59 -5.31
C ASP A 141 -8.46 -5.25 -6.01
N MET A 142 -8.95 -5.12 -7.24
CA MET A 142 -8.93 -3.84 -8.01
C MET A 142 -10.30 -3.51 -8.58
N PRO A 143 -10.84 -2.31 -8.28
CA PRO A 143 -10.38 -1.33 -7.29
C PRO A 143 -10.28 -1.96 -5.91
N GLY A 144 -9.60 -1.26 -5.03
CA GLY A 144 -9.37 -1.78 -3.71
C GLY A 144 -10.46 -1.47 -2.69
N ALA A 145 -10.19 -1.96 -1.48
CA ALA A 145 -11.10 -1.80 -0.36
C ALA A 145 -11.27 -0.32 -0.07
N ASP A 146 -10.29 0.50 -0.43
CA ASP A 146 -10.37 1.93 -0.20
C ASP A 146 -11.49 2.56 -1.03
N TYR A 147 -11.55 2.16 -2.28
CA TYR A 147 -12.63 2.53 -3.18
C TYR A 147 -13.99 2.07 -2.64
N GLN A 148 -14.08 0.82 -2.20
CA GLN A 148 -15.37 0.33 -1.75
C GLN A 148 -15.83 1.10 -0.51
N LEU A 149 -14.93 1.41 0.40
CA LEU A 149 -15.24 2.15 1.63
C LEU A 149 -15.74 3.56 1.26
N THR A 150 -15.07 4.20 0.30
CA THR A 150 -15.46 5.50 -0.20
C THR A 150 -16.88 5.48 -0.68
N LYS A 151 -17.23 4.46 -1.45
CA LYS A 151 -18.57 4.34 -2.00
C LYS A 151 -19.57 4.03 -0.91
N LEU A 152 -19.22 3.11 -0.01
CA LEU A 152 -20.14 2.75 1.07
C LEU A 152 -20.48 3.91 1.99
N LEU A 153 -19.52 4.80 2.20
CA LEU A 153 -19.70 5.93 3.11
C LEU A 153 -20.23 7.15 2.40
N GLY A 154 -20.20 7.12 1.08
CA GLY A 154 -20.57 8.28 0.28
C GLY A 154 -19.65 9.46 0.51
N LEU A 155 -18.35 9.21 0.56
CA LEU A 155 -17.36 10.28 0.71
C LEU A 155 -17.25 11.03 -0.61
N ARG A 156 -16.61 12.20 -0.59
CA ARG A 156 -16.42 12.96 -1.82
C ARG A 156 -15.62 12.11 -2.81
N PRO A 157 -15.99 12.15 -4.10
CA PRO A 157 -15.25 11.36 -5.10
C PRO A 157 -13.77 11.72 -5.17
N SER A 158 -13.41 12.92 -4.69
N SER A 158 -13.41 12.92 -4.69
CA SER A 158 -12.05 13.41 -4.81
CA SER A 158 -12.04 13.40 -4.81
C SER A 158 -11.20 13.23 -3.54
C SER A 158 -11.20 13.22 -3.54
N VAL A 159 -11.62 12.32 -2.67
CA VAL A 159 -10.77 11.94 -1.54
C VAL A 159 -9.45 11.39 -2.08
N LYS A 160 -8.35 11.70 -1.40
CA LYS A 160 -7.03 11.17 -1.73
C LYS A 160 -6.83 9.87 -0.95
N ARG A 161 -6.69 8.77 -1.68
CA ARG A 161 -6.71 7.44 -1.10
C ARG A 161 -5.35 6.77 -1.15
N LEU A 162 -5.04 6.00 -0.10
CA LEU A 162 -3.88 5.10 -0.10
C LEU A 162 -4.34 3.72 0.34
N MET A 163 -4.03 2.73 -0.49
CA MET A 163 -4.53 1.37 -0.28
C MET A 163 -3.36 0.47 0.11
N MET A 164 -3.37 0.09 1.39
CA MET A 164 -2.29 -0.64 2.02
C MET A 164 -2.74 -2.10 2.14
N TYR A 165 -2.23 -2.92 1.22
CA TYR A 165 -2.57 -4.35 1.08
C TYR A 165 -1.45 -5.26 1.57
N GLN A 166 -1.88 -6.39 2.12
CA GLN A 166 -1.01 -7.47 2.57
C GLN A 166 0.01 -6.99 3.57
N GLN A 167 -0.43 -6.17 4.54
CA GLN A 167 0.49 -5.36 5.31
C GLN A 167 1.03 -6.07 6.56
N GLY A 168 0.17 -6.82 7.21
CA GLY A 168 0.58 -7.55 8.40
C GLY A 168 0.52 -6.79 9.71
N SER A 170 2.47 -5.17 11.83
CA SER A 170 3.04 -3.91 12.22
C SER A 170 2.19 -2.72 11.76
N ALA A 171 1.14 -2.97 10.98
CA ALA A 171 0.62 -1.90 10.12
C ALA A 171 -0.42 -0.98 10.79
N GLY A 172 -0.80 -1.29 12.02
CA GLY A 172 -1.49 -0.32 12.85
C GLY A 172 -0.60 0.88 13.14
N ALA A 173 0.68 0.62 13.37
CA ALA A 173 1.66 1.68 13.50
C ALA A 173 1.90 2.34 12.14
N THR A 174 1.99 1.52 11.08
CA THR A 174 2.24 2.05 9.75
C THR A 174 1.18 3.10 9.36
N VAL A 175 -0.10 2.85 9.59
CA VAL A 175 -1.12 3.78 9.14
C VAL A 175 -1.07 5.06 9.95
N LEU A 176 -0.61 5.01 11.19
CA LEU A 176 -0.39 6.21 11.99
C LEU A 176 0.72 7.03 11.37
N ARG A 177 1.81 6.36 10.99
CA ARG A 177 2.90 7.01 10.29
C ARG A 177 2.46 7.63 8.98
N ILE A 178 1.61 6.92 8.22
CA ILE A 178 1.11 7.44 6.95
C ILE A 178 0.26 8.67 7.20
N ALA A 179 -0.77 8.50 8.03
CA ALA A 179 -1.69 9.60 8.34
C ALA A 179 -0.99 10.84 8.88
N LYS A 180 0.04 10.63 9.69
CA LYS A 180 0.79 11.72 10.27
C LYS A 180 1.33 12.65 9.17
N ASP A 181 1.99 12.10 8.16
CA ASP A 181 2.55 12.91 7.08
C ASP A 181 1.46 13.56 6.22
N LEU A 182 0.38 12.85 5.96
CA LEU A 182 -0.70 13.40 5.16
C LEU A 182 -1.31 14.59 5.87
N ALA A 183 -1.62 14.40 7.13
CA ALA A 183 -2.28 15.45 7.89
C ALA A 183 -1.38 16.66 8.08
N GLU A 184 -0.11 16.40 8.36
CA GLU A 184 0.82 17.50 8.70
C GLU A 184 1.26 18.30 7.49
N ASN A 185 1.25 17.68 6.31
CA ASN A 185 1.72 18.36 5.14
C ASN A 185 0.64 19.08 4.31
N ASN A 186 -0.61 18.99 4.75
CA ASN A 186 -1.76 19.47 4.00
C ASN A 186 -2.76 20.20 4.88
N ARG A 187 -2.77 21.53 4.77
CA ARG A 187 -3.65 22.34 5.59
C ARG A 187 -5.11 21.93 5.40
N GLY A 188 -5.78 21.71 6.51
CA GLY A 188 -7.19 21.35 6.49
C GLY A 188 -7.42 19.86 6.36
N ALA A 189 -6.38 19.09 6.11
CA ALA A 189 -6.59 17.70 5.78
C ALA A 189 -7.15 16.94 6.97
N ARG A 190 -8.12 16.08 6.67
CA ARG A 190 -8.74 15.20 7.67
C ARG A 190 -8.75 13.78 7.08
N VAL A 191 -7.99 12.91 7.73
CA VAL A 191 -7.65 11.59 7.21
C VAL A 191 -8.49 10.54 7.90
N LEU A 192 -9.30 9.84 7.12
CA LEU A 192 -10.00 8.67 7.61
C LEU A 192 -9.07 7.49 7.47
N VAL A 193 -8.71 6.89 8.61
CA VAL A 193 -7.84 5.70 8.63
C VAL A 193 -8.67 4.49 9.01
N VAL A 194 -8.55 3.39 8.25
CA VAL A 194 -9.24 2.16 8.59
C VAL A 194 -8.32 0.97 8.43
N CYS A 195 -8.24 0.16 9.48
CA CYS A 195 -7.57 -1.15 9.49
C CYS A 195 -8.66 -2.16 9.66
N SER A 196 -8.76 -3.12 8.75
CA SER A 196 -9.84 -4.10 8.81
C SER A 196 -9.27 -5.47 8.45
N GLU A 197 -9.46 -6.43 9.34
CA GLU A 197 -8.83 -7.74 9.23
C GLU A 197 -9.86 -8.82 9.43
N ILE A 198 -9.85 -9.79 8.52
CA ILE A 198 -10.74 -10.92 8.59
C ILE A 198 -9.99 -12.21 8.27
N THR A 199 -10.05 -13.18 9.17
CA THR A 199 -9.17 -14.34 9.11
C THR A 199 -9.58 -15.43 8.11
N ALA A 200 -10.57 -15.12 7.28
CA ALA A 200 -11.03 -16.09 6.29
C ALA A 200 -9.96 -16.45 5.27
N VAL A 201 -8.94 -15.59 5.12
N VAL A 201 -8.91 -15.64 5.14
CA VAL A 201 -7.80 -15.87 4.25
CA VAL A 201 -7.84 -15.93 4.19
C VAL A 201 -6.85 -16.92 4.78
C VAL A 201 -6.83 -16.92 4.78
N THR A 202 -6.74 -17.01 6.10
CA THR A 202 -5.81 -17.92 6.75
C THR A 202 -6.45 -19.17 7.35
N PHE A 203 -7.75 -19.14 7.61
CA PHE A 203 -8.40 -20.28 8.30
C PHE A 203 -8.23 -21.56 7.49
N ARG A 204 -7.79 -22.64 8.15
CA ARG A 204 -7.66 -23.92 7.48
C ARG A 204 -7.59 -25.04 8.52
N GLY A 205 -7.65 -26.27 8.07
CA GLY A 205 -7.59 -27.40 8.98
C GLY A 205 -6.16 -27.57 9.55
N PRO A 206 -6.05 -28.24 10.71
CA PRO A 206 -4.72 -28.43 11.33
C PRO A 206 -3.95 -29.57 10.71
N SER A 207 -2.65 -29.55 10.92
CA SER A 207 -1.80 -30.63 10.46
C SER A 207 -0.53 -30.67 11.29
N ASP A 208 -0.03 -31.89 11.58
CA ASP A 208 1.22 -31.98 12.34
C ASP A 208 2.39 -31.65 11.43
N THR A 209 2.14 -31.40 10.14
CA THR A 209 3.22 -30.94 9.25
C THR A 209 3.27 -29.42 9.20
N HIS A 210 2.37 -28.76 9.92
CA HIS A 210 2.29 -27.29 9.95
C HIS A 210 2.03 -26.80 11.39
N LEU A 211 2.97 -27.05 12.28
CA LEU A 211 2.78 -26.71 13.68
C LEU A 211 2.65 -25.20 13.87
N ASP A 212 3.27 -24.41 13.00
CA ASP A 212 3.11 -22.95 13.03
C ASP A 212 1.66 -22.55 12.85
N GLY A 213 0.98 -23.31 12.00
CA GLY A 213 -0.45 -23.08 11.76
C GLY A 213 -1.26 -23.15 13.02
N LEU A 214 -0.82 -23.93 13.99
CA LEU A 214 -1.60 -24.10 15.21
C LEU A 214 -1.60 -22.80 16.03
N VAL A 215 -0.49 -22.07 15.97
CA VAL A 215 -0.36 -20.81 16.71
C VAL A 215 -1.32 -19.80 16.14
N GLY A 216 -1.27 -19.61 14.83
CA GLY A 216 -2.18 -18.72 14.14
C GLY A 216 -3.64 -19.11 14.45
N ALA A 217 -3.92 -20.41 14.48
CA ALA A 217 -5.30 -20.87 14.66
C ALA A 217 -5.79 -20.53 16.05
N ALA A 218 -4.85 -20.37 16.97
CA ALA A 218 -5.19 -20.03 18.37
C ALA A 218 -5.29 -18.51 18.62
N LEU A 219 -4.57 -17.72 17.81
CA LEU A 219 -4.41 -16.29 18.08
C LEU A 219 -5.17 -15.35 17.17
N PHE A 220 -5.21 -15.63 15.87
CA PHE A 220 -5.75 -14.64 14.92
C PHE A 220 -7.25 -14.50 15.05
N SER A 221 -7.74 -13.27 14.86
CA SER A 221 -9.14 -12.92 15.03
C SER A 221 -9.49 -11.72 14.18
N ASP A 222 -10.78 -11.38 14.15
CA ASP A 222 -11.30 -10.37 13.26
C ASP A 222 -11.66 -9.08 13.95
N GLY A 223 -11.51 -7.98 13.23
CA GLY A 223 -11.87 -6.70 13.78
C GLY A 223 -11.46 -5.59 12.86
N ALA A 224 -12.08 -4.44 13.06
CA ALA A 224 -11.69 -3.22 12.37
C ALA A 224 -11.68 -2.02 13.30
N ALA A 225 -10.77 -1.10 13.02
CA ALA A 225 -10.65 0.12 13.79
C ALA A 225 -10.48 1.29 12.83
N ALA A 226 -11.10 2.42 13.16
CA ALA A 226 -11.09 3.59 12.31
C ALA A 226 -10.71 4.80 13.13
N LEU A 227 -9.96 5.69 12.51
CA LEU A 227 -9.50 6.92 13.13
C LEU A 227 -9.89 8.08 12.22
N ILE A 228 -10.08 9.26 12.83
CA ILE A 228 -9.90 10.51 12.12
C ILE A 228 -8.59 11.12 12.60
N VAL A 229 -7.72 11.46 11.67
CA VAL A 229 -6.45 12.11 11.98
C VAL A 229 -6.38 13.48 11.29
N GLY A 230 -5.95 14.48 12.04
CA GLY A 230 -5.78 15.81 11.50
C GLY A 230 -4.91 16.70 12.37
N SER A 231 -4.29 17.68 11.72
CA SER A 231 -3.54 18.72 12.43
C SER A 231 -4.45 19.92 12.65
N ASP A 232 -4.06 20.82 13.56
CA ASP A 232 -4.71 22.11 13.74
C ASP A 232 -6.19 21.91 14.05
N PRO A 233 -6.49 21.26 15.18
CA PRO A 233 -7.91 21.00 15.49
C PRO A 233 -8.70 22.28 15.65
N ASP A 234 -9.98 22.24 15.27
CA ASP A 234 -10.87 23.39 15.41
C ASP A 234 -11.82 23.17 16.61
N THR A 235 -11.40 23.70 17.74
CA THR A 235 -12.15 23.60 18.99
C THR A 235 -13.58 24.13 18.84
N SER A 236 -13.76 25.15 18.02
CA SER A 236 -15.03 25.86 17.94
C SER A 236 -16.13 25.01 17.32
N VAL A 237 -15.76 23.95 16.62
CA VAL A 237 -16.75 23.04 16.06
C VAL A 237 -16.69 21.72 16.80
N GLY A 238 -15.87 21.67 17.85
CA GLY A 238 -15.85 20.53 18.74
C GLY A 238 -14.77 19.50 18.46
N GLU A 239 -13.76 19.86 17.67
CA GLU A 239 -12.68 18.90 17.45
C GLU A 239 -11.78 18.93 18.68
N LYS A 240 -11.35 17.75 19.11
CA LYS A 240 -10.42 17.67 20.22
C LYS A 240 -9.55 16.43 20.06
N PRO A 241 -8.25 16.63 19.98
CA PRO A 241 -7.44 15.42 19.88
C PRO A 241 -7.44 14.58 21.17
N ILE A 242 -7.20 13.28 20.98
CA ILE A 242 -7.16 12.30 22.04
C ILE A 242 -5.70 11.99 22.36
N PHE A 243 -4.94 11.82 21.30
CA PHE A 243 -3.49 11.68 21.34
C PHE A 243 -2.90 12.53 20.24
N GLU A 244 -1.68 13.03 20.45
CA GLU A 244 -0.95 13.69 19.35
C GLU A 244 0.35 12.94 19.05
N MET A 245 0.62 12.76 17.76
CA MET A 245 1.80 12.07 17.30
C MET A 245 2.94 13.03 17.24
N VAL A 246 4.12 12.57 17.67
CA VAL A 246 5.30 13.42 17.67
C VAL A 246 6.37 12.92 16.69
N SER A 247 6.51 11.60 16.61
CA SER A 247 7.46 11.00 15.68
C SER A 247 7.02 9.59 15.38
N ALA A 248 7.44 9.07 14.22
CA ALA A 248 7.13 7.69 13.82
C ALA A 248 8.35 7.12 13.09
N ALA A 249 8.79 5.94 13.51
CA ALA A 249 10.00 5.35 13.00
C ALA A 249 9.77 3.89 12.67
N GLN A 250 10.72 3.30 11.95
CA GLN A 250 10.58 1.91 11.47
C GLN A 250 11.95 1.31 11.31
N THR A 251 12.15 0.06 11.75
CA THR A 251 13.45 -0.58 11.57
C THR A 251 13.34 -2.09 11.41
N ILE A 252 14.32 -2.68 10.74
CA ILE A 252 14.43 -4.12 10.58
C ILE A 252 15.42 -4.62 11.63
N LEU A 253 15.03 -5.61 12.41
CA LEU A 253 15.86 -6.10 13.50
C LEU A 253 17.06 -6.91 12.99
N PRO A 254 18.22 -6.75 13.60
CA PRO A 254 19.35 -7.55 13.09
C PRO A 254 19.18 -9.04 13.38
N ASP A 255 19.74 -9.86 12.49
CA ASP A 255 19.70 -11.30 12.63
C ASP A 255 18.29 -11.87 12.65
N SER A 256 17.34 -11.19 11.99
CA SER A 256 15.94 -11.63 12.02
C SER A 256 15.41 -12.07 10.66
N ASP A 257 16.31 -12.11 9.67
CA ASP A 257 15.93 -12.41 8.29
C ASP A 257 15.24 -13.76 8.23
N GLY A 258 14.00 -13.77 7.76
CA GLY A 258 13.24 -14.99 7.63
C GLY A 258 12.45 -15.41 8.86
N ALA A 259 12.28 -14.53 9.83
CA ALA A 259 11.59 -14.85 11.08
C ALA A 259 10.11 -15.18 10.90
N ILE A 260 9.43 -14.34 10.14
CA ILE A 260 8.01 -14.51 9.80
C ILE A 260 7.83 -14.32 8.30
N ASP A 261 7.41 -15.36 7.60
CA ASP A 261 7.04 -15.21 6.20
C ASP A 261 5.55 -15.51 6.04
N GLY A 262 4.89 -14.81 5.14
CA GLY A 262 3.48 -15.03 4.84
C GLY A 262 3.34 -15.03 3.33
N HIS A 263 2.85 -16.13 2.78
CA HIS A 263 2.75 -16.32 1.33
C HIS A 263 1.29 -16.49 0.96
N LEU A 264 0.86 -15.74 -0.06
CA LEU A 264 -0.50 -15.87 -0.59
C LEU A 264 -0.48 -16.83 -1.75
N ARG A 265 -1.14 -17.96 -1.57
CA ARG A 265 -1.06 -19.09 -2.48
C ARG A 265 -2.45 -19.50 -2.90
N GLU A 266 -2.54 -20.50 -3.76
CA GLU A 266 -3.84 -21.01 -4.18
C GLU A 266 -4.65 -21.64 -3.03
N VAL A 267 -3.97 -22.04 -1.95
CA VAL A 267 -4.62 -22.53 -0.73
C VAL A 267 -4.92 -21.42 0.31
N GLY A 268 -4.73 -20.14 -0.06
CA GLY A 268 -4.91 -19.04 0.87
C GLY A 268 -3.58 -18.53 1.45
N LEU A 269 -3.66 -17.82 2.56
CA LEU A 269 -2.49 -17.19 3.15
C LEU A 269 -1.90 -18.17 4.16
N VAL A 270 -0.59 -18.39 4.08
CA VAL A 270 0.10 -19.40 4.88
C VAL A 270 1.27 -18.70 5.53
N PHE A 271 1.40 -18.84 6.85
CA PHE A 271 2.53 -18.28 7.57
C PHE A 271 3.53 -19.33 7.97
N HIS A 272 4.78 -18.89 8.05
CA HIS A 272 5.89 -19.74 8.42
C HIS A 272 6.72 -18.97 9.40
N LEU A 273 6.98 -19.59 10.53
CA LEU A 273 7.69 -18.95 11.60
C LEU A 273 9.02 -19.65 11.81
N LEU A 274 10.05 -18.84 11.90
CA LEU A 274 11.37 -19.29 12.25
C LEU A 274 11.85 -18.23 13.22
N LYS A 275 12.95 -18.53 13.85
CA LYS A 275 13.56 -17.66 14.81
C LYS A 275 12.67 -17.39 16.00
N ASP A 276 13.31 -16.92 17.05
CA ASP A 276 12.72 -16.62 18.34
C ASP A 276 12.22 -15.17 18.31
N VAL A 277 10.96 -14.97 17.92
CA VAL A 277 10.42 -13.62 17.69
C VAL A 277 10.34 -12.83 19.00
N PRO A 278 9.78 -13.43 20.07
CA PRO A 278 9.75 -12.65 21.32
C PRO A 278 11.16 -12.26 21.81
N GLY A 279 12.15 -13.13 21.60
CA GLY A 279 13.50 -12.88 22.04
C GLY A 279 14.15 -11.77 21.21
N LEU A 280 13.94 -11.83 19.90
CA LEU A 280 14.45 -10.81 18.99
C LEU A 280 13.92 -9.44 19.29
N ILE A 281 12.61 -9.35 19.49
CA ILE A 281 11.99 -8.08 19.84
C ILE A 281 12.50 -7.56 21.19
N SER A 282 12.54 -8.42 22.21
N SER A 282 12.53 -8.42 22.21
CA SER A 282 12.90 -7.96 23.53
CA SER A 282 12.94 -7.99 23.55
C SER A 282 14.37 -7.57 23.60
C SER A 282 14.38 -7.54 23.56
N LYS A 283 15.22 -8.25 22.82
CA LYS A 283 16.65 -7.97 22.81
C LYS A 283 16.95 -6.62 22.21
N ASN A 284 16.08 -6.17 21.30
CA ASN A 284 16.36 -5.02 20.44
C ASN A 284 15.51 -3.79 20.73
N ILE A 285 14.46 -3.94 21.50
CA ILE A 285 13.48 -2.89 21.57
C ILE A 285 14.03 -1.64 22.25
N VAL A 286 15.00 -1.79 23.14
CA VAL A 286 15.56 -0.62 23.79
C VAL A 286 16.23 0.33 22.80
N LYS A 287 16.84 -0.19 21.73
CA LYS A 287 17.47 0.68 20.75
C LYS A 287 16.43 1.60 20.07
N SER A 288 15.21 1.06 19.89
CA SER A 288 14.11 1.85 19.33
C SER A 288 13.63 2.89 20.34
N LEU A 289 13.50 2.50 21.60
CA LEU A 289 13.12 3.45 22.66
C LEU A 289 14.16 4.57 22.78
N ASP A 290 15.46 4.21 22.80
CA ASP A 290 16.50 5.22 22.84
C ASP A 290 16.41 6.19 21.68
N GLU A 291 16.22 5.66 20.47
CA GLU A 291 16.23 6.51 19.28
C GLU A 291 15.09 7.52 19.35
N ALA A 292 13.95 7.05 19.84
CA ALA A 292 12.72 7.82 19.92
C ALA A 292 12.73 8.86 21.06
N PHE A 293 13.29 8.48 22.20
CA PHE A 293 13.10 9.27 23.43
C PHE A 293 14.33 10.02 23.89
N LYS A 294 15.53 9.59 23.50
CA LYS A 294 16.73 10.35 23.89
C LYS A 294 16.62 11.85 23.51
N PRO A 295 16.13 12.15 22.30
CA PRO A 295 16.03 13.58 21.95
C PRO A 295 15.04 14.34 22.83
N LEU A 296 14.12 13.61 23.44
CA LEU A 296 13.14 14.22 24.33
C LEU A 296 13.64 14.24 25.79
N GLY A 297 14.82 13.70 26.04
CA GLY A 297 15.39 13.67 27.38
C GLY A 297 14.80 12.61 28.31
N ILE A 298 14.18 11.59 27.73
CA ILE A 298 13.44 10.58 28.48
C ILE A 298 14.10 9.22 28.37
N SER A 299 14.33 8.57 29.52
CA SER A 299 15.01 7.28 29.56
C SER A 299 14.38 6.26 30.52
N ASP A 300 13.33 6.66 31.21
CA ASP A 300 12.63 5.77 32.13
C ASP A 300 11.37 5.22 31.43
N TRP A 301 11.41 3.97 30.99
CA TRP A 301 10.34 3.43 30.16
C TRP A 301 9.06 3.17 30.98
N ASN A 302 9.18 3.18 32.31
CA ASN A 302 8.02 3.12 33.18
C ASN A 302 7.33 4.46 33.33
N SER A 303 7.93 5.54 32.84
CA SER A 303 7.31 6.86 32.88
C SER A 303 6.36 7.06 31.69
N LEU A 304 6.37 6.11 30.75
CA LEU A 304 5.60 6.17 29.52
C LEU A 304 4.29 5.42 29.68
N PHE A 305 3.24 5.85 28.99
CA PHE A 305 2.11 4.94 28.70
C PHE A 305 2.43 4.10 27.45
N TRP A 306 2.01 2.84 27.49
CA TRP A 306 2.42 1.80 26.53
C TRP A 306 1.31 1.22 25.68
N ILE A 307 1.56 1.07 24.38
CA ILE A 307 0.74 0.28 23.48
C ILE A 307 1.68 -0.58 22.66
N ALA A 308 1.44 -1.88 22.68
CA ALA A 308 2.28 -2.82 21.94
C ALA A 308 1.40 -3.76 21.16
N HIS A 309 1.77 -4.06 19.94
CA HIS A 309 1.03 -5.04 19.18
C HIS A 309 1.03 -6.40 19.90
N PRO A 310 -0.16 -6.93 20.24
CA PRO A 310 -0.26 -8.20 20.97
C PRO A 310 -0.11 -9.42 20.06
N GLY A 311 1.10 -9.62 19.54
CA GLY A 311 1.34 -10.70 18.61
C GLY A 311 1.13 -12.06 19.26
N GLY A 312 1.45 -12.11 20.54
CA GLY A 312 1.11 -13.26 21.38
C GLY A 312 1.57 -12.86 22.76
N PRO A 313 1.23 -13.65 23.78
CA PRO A 313 1.64 -13.33 25.15
C PRO A 313 3.15 -13.34 25.39
N ALA A 314 3.91 -14.17 24.67
CA ALA A 314 5.34 -14.27 24.96
C ALA A 314 6.07 -12.99 24.64
N ILE A 315 5.70 -12.32 23.54
CA ILE A 315 6.32 -11.04 23.22
C ILE A 315 6.15 -10.07 24.38
N LEU A 316 4.92 -9.95 24.87
CA LEU A 316 4.62 -9.01 25.92
C LEU A 316 5.32 -9.35 27.24
N ASP A 317 5.25 -10.63 27.65
CA ASP A 317 5.94 -11.09 28.86
C ASP A 317 7.45 -10.83 28.79
N GLN A 318 8.04 -11.11 27.63
CA GLN A 318 9.49 -10.96 27.51
C GLN A 318 9.96 -9.49 27.42
N VAL A 319 9.17 -8.63 26.81
CA VAL A 319 9.48 -7.19 26.81
C VAL A 319 9.35 -6.63 28.23
N GLU A 320 8.30 -7.03 28.93
CA GLU A 320 8.09 -6.61 30.29
C GLU A 320 9.26 -6.99 31.19
N ILE A 321 9.71 -8.24 31.07
CA ILE A 321 10.81 -8.73 31.89
C ILE A 321 12.07 -7.99 31.52
N LYS A 322 12.30 -7.86 30.21
CA LYS A 322 13.54 -7.28 29.72
C LYS A 322 13.72 -5.82 30.12
N LEU A 323 12.64 -5.03 30.06
CA LEU A 323 12.72 -3.62 30.43
C LEU A 323 12.44 -3.32 31.91
N GLY A 324 12.06 -4.32 32.68
CA GLY A 324 11.62 -4.09 34.04
C GLY A 324 10.32 -3.27 34.12
N LEU A 325 9.43 -3.45 33.15
CA LEU A 325 8.17 -2.69 33.21
C LEU A 325 7.32 -3.11 34.39
N LYS A 326 6.69 -2.13 35.06
CA LYS A 326 5.64 -2.42 36.04
C LYS A 326 4.53 -3.19 35.34
N GLU A 327 3.82 -4.05 36.06
CA GLU A 327 2.87 -4.93 35.37
C GLU A 327 1.70 -4.15 34.77
N GLU A 328 1.43 -2.98 35.33
CA GLU A 328 0.37 -2.10 34.82
C GLU A 328 0.57 -1.65 33.38
N LYS A 329 1.82 -1.58 32.93
CA LYS A 329 2.12 -0.92 31.68
C LYS A 329 1.46 -1.66 30.52
N MET A 330 1.51 -2.99 30.56
CA MET A 330 0.97 -3.79 29.47
C MET A 330 -0.54 -4.08 29.67
N ARG A 331 -1.16 -3.53 30.70
CA ARG A 331 -2.54 -3.86 31.00
C ARG A 331 -3.53 -3.64 29.85
N ALA A 332 -3.48 -2.46 29.23
CA ALA A 332 -4.43 -2.17 28.17
C ALA A 332 -4.19 -3.09 26.96
N THR A 333 -2.93 -3.29 26.63
CA THR A 333 -2.54 -4.24 25.57
C THR A 333 -3.07 -5.65 25.88
N ARG A 334 -2.90 -6.15 27.10
CA ARG A 334 -3.36 -7.48 27.41
C ARG A 334 -4.87 -7.56 27.45
N HIS A 335 -5.52 -6.47 27.81
CA HIS A 335 -6.99 -6.50 27.89
C HIS A 335 -7.59 -6.75 26.49
N VAL A 336 -7.04 -6.08 25.49
CA VAL A 336 -7.45 -6.28 24.11
C VAL A 336 -7.12 -7.70 23.62
N LEU A 337 -5.91 -8.17 23.90
CA LEU A 337 -5.55 -9.53 23.53
C LEU A 337 -6.56 -10.51 24.13
N SER A 338 -6.88 -10.30 25.41
CA SER A 338 -7.84 -11.18 26.08
C SER A 338 -9.25 -11.15 25.49
N GLU A 339 -9.74 -9.94 25.21
CA GLU A 339 -11.14 -9.81 24.83
C GLU A 339 -11.37 -9.95 23.31
N TYR A 340 -10.31 -9.80 22.50
CA TYR A 340 -10.44 -9.77 21.04
C TYR A 340 -9.47 -10.66 20.28
N GLY A 341 -8.42 -11.12 20.94
CA GLY A 341 -7.35 -11.82 20.25
C GLY A 341 -6.46 -10.92 19.40
N ASN A 342 -5.64 -11.53 18.55
CA ASN A 342 -4.72 -10.81 17.70
C ASN A 342 -5.41 -10.45 16.40
N MET A 343 -5.92 -9.23 16.33
CA MET A 343 -6.60 -8.75 15.15
C MET A 343 -5.65 -8.09 14.14
N SER A 344 -4.42 -8.59 14.12
N SER A 344 -4.40 -8.54 14.16
CA SER A 344 -3.41 -8.07 13.21
CA SER A 344 -3.40 -8.05 13.23
C SER A 344 -3.36 -6.54 13.30
C SER A 344 -3.34 -6.51 13.30
N SER A 345 -3.38 -5.85 12.15
CA SER A 345 -3.12 -4.39 12.12
C SER A 345 -4.03 -3.54 13.00
N ALA A 346 -5.27 -4.00 13.17
CA ALA A 346 -6.26 -3.23 13.93
C ALA A 346 -5.96 -3.18 15.42
N SER A 347 -5.21 -4.15 15.89
CA SER A 347 -5.10 -4.37 17.33
C SER A 347 -4.60 -3.15 18.14
N VAL A 348 -3.50 -2.54 17.71
CA VAL A 348 -2.99 -1.40 18.47
C VAL A 348 -3.97 -0.23 18.51
N LEU A 349 -4.85 -0.15 17.53
CA LEU A 349 -5.85 0.93 17.50
C LEU A 349 -6.99 0.64 18.51
N PHE A 350 -7.39 -0.62 18.64
CA PHE A 350 -8.27 -1.02 19.76
C PHE A 350 -7.65 -0.67 21.12
N ILE A 351 -6.35 -0.87 21.30
CA ILE A 351 -5.69 -0.60 22.59
C ILE A 351 -5.68 0.92 22.90
N LEU A 352 -5.45 1.75 21.89
CA LEU A 352 -5.57 3.19 22.05
C LEU A 352 -6.96 3.54 22.56
N ASP A 353 -7.97 2.92 21.96
CA ASP A 353 -9.34 3.19 22.35
C ASP A 353 -9.56 2.77 23.81
N GLU A 354 -9.12 1.57 24.14
CA GLU A 354 -9.24 1.07 25.51
C GLU A 354 -8.56 2.01 26.50
N MET A 355 -7.33 2.43 26.18
CA MET A 355 -6.58 3.26 27.08
C MET A 355 -7.28 4.60 27.36
N ARG A 356 -7.76 5.29 26.32
CA ARG A 356 -8.35 6.60 26.55
C ARG A 356 -9.71 6.48 27.22
N ARG A 357 -10.41 5.39 26.96
CA ARG A 357 -11.70 5.16 27.62
C ARG A 357 -11.52 4.86 29.11
N LYS A 358 -10.60 3.95 29.43
CA LYS A 358 -10.34 3.65 30.83
C LYS A 358 -9.80 4.85 31.60
N SER A 359 -8.94 5.64 30.94
CA SER A 359 -8.39 6.83 31.59
C SER A 359 -9.54 7.75 32.02
N ALA A 360 -10.53 7.90 31.16
CA ALA A 360 -11.70 8.71 31.48
C ALA A 360 -12.49 8.09 32.64
N LYS A 361 -12.75 6.79 32.56
CA LYS A 361 -13.55 6.14 33.61
C LYS A 361 -12.86 6.24 34.95
N ASP A 362 -11.55 6.11 34.98
CA ASP A 362 -10.82 6.08 36.23
C ASP A 362 -10.53 7.50 36.74
N GLY A 363 -10.82 8.51 35.91
CA GLY A 363 -10.73 9.88 36.35
C GLY A 363 -9.31 10.38 36.44
N VAL A 364 -8.39 9.81 35.66
CA VAL A 364 -6.99 10.26 35.74
C VAL A 364 -6.80 11.49 34.87
N ALA A 365 -5.59 12.05 34.88
CA ALA A 365 -5.38 13.43 34.44
C ALA A 365 -5.20 13.58 32.93
N THR A 366 -4.89 12.48 32.25
CA THR A 366 -4.72 12.51 30.78
C THR A 366 -5.27 11.27 30.13
N THR A 367 -5.40 11.31 28.81
CA THR A 367 -5.86 10.17 28.03
C THR A 367 -4.89 9.00 28.03
N GLY A 368 -3.64 9.26 28.45
CA GLY A 368 -2.56 8.29 28.48
C GLY A 368 -2.31 7.83 29.91
N GLU A 369 -3.37 7.37 30.56
CA GLU A 369 -3.28 6.83 31.91
C GLU A 369 -2.73 7.85 32.91
N GLY A 370 -2.91 9.14 32.62
CA GLY A 370 -2.49 10.20 33.50
C GLY A 370 -1.06 10.67 33.26
N LEU A 371 -0.39 10.04 32.30
CA LEU A 371 0.97 10.38 31.97
C LEU A 371 1.03 11.27 30.74
N GLU A 372 2.22 11.83 30.48
CA GLU A 372 2.40 12.84 29.43
C GLU A 372 2.82 12.20 28.11
N TRP A 373 3.82 11.33 28.16
CA TRP A 373 4.40 10.76 26.95
C TRP A 373 4.12 9.28 26.87
N GLY A 374 4.03 8.75 25.65
CA GLY A 374 3.72 7.35 25.43
C GLY A 374 4.32 6.81 24.16
N VAL A 375 4.23 5.49 24.00
CA VAL A 375 4.89 4.83 22.89
C VAL A 375 3.94 3.76 22.41
N LEU A 376 3.89 3.62 21.10
CA LEU A 376 3.11 2.59 20.43
C LEU A 376 4.00 1.79 19.48
N PHE A 377 4.02 0.48 19.67
CA PHE A 377 4.83 -0.42 18.87
C PHE A 377 3.99 -1.29 17.95
N GLY A 378 4.44 -1.39 16.70
CA GLY A 378 3.92 -2.38 15.77
C GLY A 378 5.00 -3.39 15.48
N PHE A 379 4.64 -4.67 15.41
CA PHE A 379 5.61 -5.77 15.19
C PHE A 379 5.15 -6.62 14.00
N GLY A 380 6.01 -6.92 13.04
CA GLY A 380 5.55 -7.66 11.87
C GLY A 380 6.68 -8.28 11.08
N PRO A 381 6.36 -8.90 9.93
CA PRO A 381 7.44 -9.54 9.16
C PRO A 381 8.60 -8.60 8.82
N GLY A 382 9.80 -9.17 8.83
CA GLY A 382 10.99 -8.37 8.56
C GLY A 382 12.25 -8.92 9.18
N LEU A 383 12.33 -8.99 10.51
N LEU A 383 12.33 -8.99 10.51
CA LEU A 383 11.30 -8.57 11.45
CA LEU A 383 11.31 -8.56 11.45
C LEU A 383 11.30 -7.06 11.57
C LEU A 383 11.30 -7.05 11.53
N THR A 384 10.12 -6.45 11.41
CA THR A 384 9.96 -5.00 11.50
C THR A 384 9.41 -4.57 12.84
N VAL A 385 10.01 -3.54 13.41
CA VAL A 385 9.44 -2.86 14.56
C VAL A 385 9.19 -1.39 14.18
N GLU A 386 7.95 -0.96 14.35
CA GLU A 386 7.54 0.42 14.17
C GLU A 386 7.34 1.06 15.52
N THR A 387 7.87 2.27 15.70
CA THR A 387 7.82 2.99 16.96
C THR A 387 7.15 4.34 16.76
N VAL A 388 6.01 4.55 17.39
CA VAL A 388 5.35 5.85 17.32
C VAL A 388 5.34 6.52 18.67
N VAL A 389 5.86 7.77 18.74
CA VAL A 389 5.83 8.52 19.98
C VAL A 389 4.57 9.33 20.04
N LEU A 390 3.86 9.21 21.15
CA LEU A 390 2.60 9.90 21.34
C LEU A 390 2.68 10.81 22.56
N HIS A 391 1.90 11.89 22.53
CA HIS A 391 1.68 12.70 23.71
C HIS A 391 0.19 12.58 24.05
N SER A 392 -0.11 12.47 25.35
CA SER A 392 -1.48 12.45 25.83
C SER A 392 -2.10 13.83 25.74
N VAL A 393 -3.39 13.90 26.04
CA VAL A 393 -4.10 15.17 26.16
C VAL A 393 -4.75 15.21 27.53
N PRO A 394 -4.83 16.41 28.14
CA PRO A 394 -5.47 16.49 29.46
C PRO A 394 -6.94 16.09 29.44
N LEU A 395 -7.35 15.44 30.51
CA LEU A 395 -8.76 15.16 30.75
C LEU A 395 -9.32 16.11 31.79
N SER B 7 11.21 21.63 24.53
CA SER B 7 10.47 22.13 23.37
C SER B 7 8.97 21.85 23.49
N SER B 8 8.15 22.76 22.98
CA SER B 8 6.74 22.46 22.81
C SER B 8 6.60 21.51 21.63
N LEU B 9 5.42 20.94 21.47
CA LEU B 9 5.18 20.05 20.35
C LEU B 9 5.22 20.83 19.04
N ASP B 10 4.73 22.07 19.05
CA ASP B 10 4.74 22.89 17.85
C ASP B 10 6.17 23.24 17.42
N GLU B 11 7.05 23.49 18.39
CA GLU B 11 8.46 23.75 18.08
C GLU B 11 9.13 22.50 17.53
N ILE B 12 8.86 21.35 18.13
CA ILE B 12 9.40 20.09 17.64
C ILE B 12 8.97 19.87 16.19
N ARG B 13 7.69 20.11 15.93
CA ARG B 13 7.10 19.97 14.61
C ARG B 13 7.82 20.87 13.58
N GLN B 14 8.02 22.14 13.90
CA GLN B 14 8.70 23.04 12.97
C GLN B 14 10.11 22.57 12.62
N ALA B 15 10.81 22.04 13.62
CA ALA B 15 12.17 21.57 13.42
C ALA B 15 12.23 20.28 12.63
N GLN B 16 11.17 19.50 12.73
CA GLN B 16 11.12 18.17 12.13
C GLN B 16 10.84 18.16 10.62
N ARG B 17 10.24 19.24 10.13
N ARG B 17 10.23 19.22 10.10
CA ARG B 17 9.73 19.30 8.76
CA ARG B 17 9.78 19.20 8.73
C ARG B 17 10.71 19.97 7.81
C ARG B 17 10.72 19.94 7.81
N ALA B 18 10.60 19.67 6.51
CA ALA B 18 11.40 20.33 5.50
C ALA B 18 10.80 21.68 5.17
N ASP B 19 11.53 22.50 4.41
CA ASP B 19 11.06 23.85 4.09
C ASP B 19 10.31 23.97 2.76
N GLY B 20 10.89 23.42 1.69
CA GLY B 20 10.41 23.68 0.35
C GLY B 20 9.68 22.52 -0.33
N PRO B 21 9.28 22.72 -1.59
CA PRO B 21 8.57 21.71 -2.37
C PRO B 21 9.43 20.50 -2.68
N ALA B 22 8.79 19.34 -2.75
CA ALA B 22 9.49 18.13 -3.12
C ALA B 22 9.90 18.17 -4.59
N GLY B 23 11.15 17.78 -4.84
CA GLY B 23 11.70 17.70 -6.19
C GLY B 23 12.12 16.26 -6.53
N ILE B 24 12.02 15.93 -7.82
CA ILE B 24 12.53 14.67 -8.35
C ILE B 24 13.99 14.91 -8.66
N LEU B 25 14.86 14.27 -7.88
CA LEU B 25 16.30 14.55 -7.95
C LEU B 25 17.06 13.63 -8.89
N ALA B 26 16.41 12.55 -9.29
CA ALA B 26 17.04 11.53 -10.13
C ALA B 26 15.97 10.60 -10.65
N ILE B 27 16.19 10.05 -11.85
CA ILE B 27 15.31 9.05 -12.44
C ILE B 27 16.17 7.98 -13.09
N GLY B 28 15.83 6.71 -12.82
CA GLY B 28 16.48 5.58 -13.45
C GLY B 28 15.43 4.58 -13.88
N THR B 29 15.70 3.85 -14.97
CA THR B 29 14.76 2.87 -15.47
C THR B 29 15.48 1.60 -15.88
N ALA B 30 14.70 0.53 -15.98
CA ALA B 30 15.18 -0.78 -16.35
C ALA B 30 14.08 -1.63 -16.95
N ASN B 31 14.43 -2.61 -17.79
CA ASN B 31 13.48 -3.56 -18.35
C ASN B 31 14.16 -4.91 -18.46
N PRO B 32 13.39 -5.98 -18.46
CA PRO B 32 13.99 -7.25 -18.83
C PRO B 32 14.69 -7.16 -20.20
N GLU B 33 15.83 -7.80 -20.34
CA GLU B 33 16.53 -7.82 -21.62
C GLU B 33 15.64 -8.37 -22.73
N ASN B 34 14.97 -9.47 -22.41
CA ASN B 34 14.16 -10.15 -23.40
C ASN B 34 13.04 -9.22 -23.84
N HIS B 35 12.84 -9.13 -25.15
CA HIS B 35 11.75 -8.30 -25.68
C HIS B 35 11.13 -8.89 -26.94
N VAL B 36 9.93 -8.43 -27.24
CA VAL B 36 9.19 -8.89 -28.42
C VAL B 36 8.81 -7.70 -29.29
N LEU B 37 8.92 -7.86 -30.60
CA LEU B 37 8.45 -6.84 -31.52
C LEU B 37 6.97 -7.07 -31.83
N GLN B 38 6.18 -6.01 -31.76
CA GLN B 38 4.74 -6.13 -31.75
C GLN B 38 4.24 -6.73 -33.06
N ALA B 39 4.95 -6.41 -34.15
CA ALA B 39 4.60 -6.89 -35.48
C ALA B 39 4.56 -8.42 -35.52
N GLU B 40 5.38 -9.04 -34.66
CA GLU B 40 5.53 -10.48 -34.64
C GLU B 40 4.73 -11.15 -33.53
N TYR B 41 4.09 -10.36 -32.67
CA TYR B 41 3.50 -10.92 -31.47
C TYR B 41 2.23 -11.77 -31.73
N PRO B 42 1.35 -11.34 -32.63
CA PRO B 42 0.18 -12.22 -32.83
C PRO B 42 0.59 -13.66 -33.19
N ASP B 43 1.52 -13.81 -34.13
CA ASP B 43 2.02 -15.13 -34.47
C ASP B 43 2.65 -15.84 -33.28
N TYR B 44 3.50 -15.13 -32.54
CA TYR B 44 4.25 -15.73 -31.43
C TYR B 44 3.30 -16.19 -30.32
N TYR B 45 2.45 -15.27 -29.90
CA TYR B 45 1.52 -15.48 -28.80
C TYR B 45 0.63 -16.66 -29.08
N PHE B 46 0.03 -16.69 -30.27
CA PHE B 46 -0.92 -17.75 -30.59
C PHE B 46 -0.19 -19.06 -30.83
N ARG B 47 1.08 -18.99 -31.25
CA ARG B 47 1.86 -20.21 -31.43
C ARG B 47 2.20 -20.85 -30.09
N ILE B 48 2.73 -20.05 -29.18
CA ILE B 48 3.30 -20.58 -27.95
C ILE B 48 2.19 -21.04 -26.99
N THR B 49 0.99 -20.51 -27.15
CA THR B 49 -0.17 -20.97 -26.39
C THR B 49 -1.01 -22.05 -27.11
N ASN B 50 -0.46 -22.62 -28.18
CA ASN B 50 -1.11 -23.71 -28.94
C ASN B 50 -2.50 -23.33 -29.40
N SER B 51 -2.65 -22.08 -29.84
CA SER B 51 -3.94 -21.50 -30.17
C SER B 51 -4.04 -20.99 -31.60
N GLU B 52 -3.09 -21.39 -32.43
CA GLU B 52 -2.97 -20.81 -33.77
C GLU B 52 -4.11 -21.26 -34.71
N HIS B 53 -4.86 -22.28 -34.30
CA HIS B 53 -6.03 -22.73 -35.04
C HIS B 53 -7.28 -21.86 -34.82
N MET B 54 -7.19 -20.95 -33.85
CA MET B 54 -8.28 -20.01 -33.54
C MET B 54 -8.19 -18.83 -34.49
N THR B 55 -8.50 -19.07 -35.75
CA THR B 55 -8.29 -18.07 -36.81
C THR B 55 -8.99 -16.74 -36.58
N ASP B 56 -10.29 -16.78 -36.28
CA ASP B 56 -11.05 -15.53 -36.11
C ASP B 56 -10.58 -14.76 -34.88
N LEU B 57 -10.21 -15.47 -33.82
CA LEU B 57 -9.73 -14.81 -32.62
C LEU B 57 -8.36 -14.18 -32.86
N LYS B 58 -7.52 -14.88 -33.61
CA LYS B 58 -6.18 -14.38 -33.86
C LYS B 58 -6.26 -13.14 -34.71
N GLU B 59 -7.20 -13.11 -35.64
CA GLU B 59 -7.38 -11.91 -36.48
C GLU B 59 -7.85 -10.74 -35.63
N LYS B 60 -8.75 -10.99 -34.69
CA LYS B 60 -9.16 -9.94 -33.76
C LYS B 60 -7.95 -9.40 -33.02
N PHE B 61 -7.06 -10.30 -32.60
CA PHE B 61 -5.89 -9.91 -31.83
C PHE B 61 -4.91 -9.13 -32.69
N LYS B 62 -4.72 -9.59 -33.91
CA LYS B 62 -3.84 -8.94 -34.86
C LYS B 62 -4.24 -7.48 -35.09
N ARG B 63 -5.55 -7.24 -35.18
CA ARG B 63 -6.01 -5.90 -35.45
C ARG B 63 -5.84 -5.01 -34.23
N ILE B 64 -6.04 -5.57 -33.05
CA ILE B 64 -5.79 -4.84 -31.84
C ILE B 64 -4.32 -4.43 -31.76
N CYS B 65 -3.41 -5.36 -32.03
CA CYS B 65 -1.99 -5.05 -32.07
C CYS B 65 -1.64 -4.04 -33.16
N ASP B 66 -2.26 -4.17 -34.34
CA ASP B 66 -1.99 -3.26 -35.44
C ASP B 66 -2.35 -1.83 -35.05
N LYS B 67 -3.34 -1.65 -34.17
CA LYS B 67 -3.80 -0.31 -33.78
C LYS B 67 -3.14 0.19 -32.51
N SER B 68 -2.39 -0.67 -31.84
CA SER B 68 -1.90 -0.36 -30.50
C SER B 68 -0.85 0.75 -30.52
N THR B 69 -0.26 0.97 -31.68
CA THR B 69 0.88 1.89 -31.86
C THR B 69 2.08 1.53 -30.98
N ILE B 70 2.18 0.27 -30.57
CA ILE B 70 3.35 -0.25 -29.85
C ILE B 70 4.33 -0.93 -30.82
N ARG B 71 5.62 -0.63 -30.70
CA ARG B 71 6.64 -1.26 -31.55
C ARG B 71 7.31 -2.44 -30.84
N LYS B 72 7.58 -2.25 -29.55
CA LYS B 72 8.43 -3.15 -28.78
C LYS B 72 7.91 -3.24 -27.37
N ARG B 73 7.92 -4.46 -26.81
CA ARG B 73 7.57 -4.68 -25.40
C ARG B 73 8.59 -5.61 -24.75
N HIS B 74 9.10 -5.24 -23.57
CA HIS B 74 10.00 -6.11 -22.82
C HIS B 74 9.20 -7.08 -21.94
N MET B 75 9.67 -8.32 -21.87
N MET B 75 9.63 -8.34 -21.90
CA MET B 75 8.95 -9.42 -21.25
CA MET B 75 8.92 -9.37 -21.17
C MET B 75 9.90 -10.34 -20.51
C MET B 75 9.87 -10.34 -20.52
N HIS B 76 9.79 -10.42 -19.19
CA HIS B 76 10.60 -11.36 -18.44
C HIS B 76 10.29 -12.81 -18.89
N LEU B 77 9.03 -13.08 -19.18
CA LEU B 77 8.65 -14.43 -19.66
C LEU B 77 9.26 -14.76 -21.01
N THR B 78 10.01 -15.86 -21.07
CA THR B 78 10.63 -16.31 -22.33
C THR B 78 9.88 -17.50 -22.93
N GLU B 79 10.10 -17.71 -24.21
CA GLU B 79 9.56 -18.88 -24.90
C GLU B 79 9.99 -20.17 -24.19
N GLU B 80 11.26 -20.27 -23.82
CA GLU B 80 11.74 -21.49 -23.18
C GLU B 80 11.04 -21.73 -21.86
N PHE B 81 10.86 -20.66 -21.07
CA PHE B 81 10.21 -20.82 -19.79
C PHE B 81 8.76 -21.27 -19.99
N LEU B 82 8.07 -20.66 -20.94
CA LEU B 82 6.66 -21.00 -21.19
C LEU B 82 6.54 -22.42 -21.74
N LYS B 83 7.52 -22.85 -22.52
CA LYS B 83 7.54 -24.23 -23.01
C LYS B 83 7.65 -25.22 -21.82
N GLU B 84 8.34 -24.82 -20.77
CA GLU B 84 8.55 -25.71 -19.61
C GLU B 84 7.41 -25.61 -18.60
N ASN B 85 6.55 -24.62 -18.79
CA ASN B 85 5.42 -24.33 -17.90
C ASN B 85 4.11 -24.11 -18.66
N PRO B 86 3.62 -25.14 -19.34
CA PRO B 86 2.42 -25.05 -20.17
C PRO B 86 1.14 -24.66 -19.43
N HIS B 87 1.07 -24.77 -18.11
CA HIS B 87 -0.12 -24.31 -17.39
C HIS B 87 -0.24 -22.80 -17.43
N MET B 88 0.90 -22.12 -17.62
CA MET B 88 0.92 -20.67 -17.85
C MET B 88 0.37 -20.30 -19.25
N CYS B 89 0.38 -21.23 -20.20
CA CYS B 89 -0.05 -20.96 -21.59
C CYS B 89 -1.51 -21.31 -21.84
N ALA B 90 -2.07 -22.11 -20.95
CA ALA B 90 -3.47 -22.46 -21.00
C ALA B 90 -4.29 -21.22 -20.71
N TYR B 91 -5.57 -21.27 -21.06
CA TYR B 91 -6.41 -20.10 -20.88
C TYR B 91 -6.61 -19.83 -19.38
N MET B 92 -7.14 -20.78 -18.64
CA MET B 92 -7.43 -20.54 -17.21
C MET B 92 -7.09 -21.76 -16.38
N ALA B 93 -5.81 -22.09 -16.30
CA ALA B 93 -5.37 -23.23 -15.51
C ALA B 93 -4.92 -22.75 -14.16
N PRO B 94 -4.94 -23.64 -13.17
CA PRO B 94 -4.39 -23.22 -11.88
C PRO B 94 -2.94 -22.73 -12.08
N SER B 95 -2.57 -21.54 -11.60
CA SER B 95 -1.24 -21.02 -11.93
C SER B 95 -0.74 -19.87 -11.05
N LEU B 96 -1.52 -19.45 -10.05
CA LEU B 96 -1.11 -18.38 -9.18
C LEU B 96 0.23 -18.67 -8.49
N ASP B 97 0.40 -19.88 -7.95
CA ASP B 97 1.61 -20.21 -7.23
C ASP B 97 2.85 -20.03 -8.13
N THR B 98 2.77 -20.52 -9.36
CA THR B 98 3.90 -20.38 -10.27
C THR B 98 4.19 -18.91 -10.57
N ARG B 99 3.12 -18.15 -10.78
CA ARG B 99 3.25 -16.72 -11.06
C ARG B 99 3.90 -15.97 -9.89
N GLN B 100 3.40 -16.23 -8.69
CA GLN B 100 3.98 -15.66 -7.46
C GLN B 100 5.45 -16.02 -7.32
N ASP B 101 5.80 -17.29 -7.53
CA ASP B 101 7.19 -17.74 -7.44
C ASP B 101 8.07 -16.88 -8.34
N ILE B 102 7.59 -16.59 -9.54
CA ILE B 102 8.32 -15.68 -10.43
C ILE B 102 8.39 -14.24 -9.89
N VAL B 103 7.25 -13.62 -9.69
CA VAL B 103 7.24 -12.16 -9.51
C VAL B 103 7.67 -11.74 -8.12
N VAL B 104 7.61 -12.60 -7.11
CA VAL B 104 8.07 -12.18 -5.80
C VAL B 104 9.58 -12.05 -5.82
N VAL B 105 10.24 -12.73 -6.74
CA VAL B 105 11.67 -12.52 -6.96
C VAL B 105 11.97 -11.42 -7.99
N GLU B 106 11.33 -11.49 -9.15
CA GLU B 106 11.75 -10.66 -10.27
C GLU B 106 11.31 -9.20 -10.13
N VAL B 107 10.21 -8.93 -9.43
CA VAL B 107 9.77 -7.55 -9.27
C VAL B 107 10.79 -6.72 -8.48
N PRO B 108 11.24 -7.22 -7.30
CA PRO B 108 12.25 -6.43 -6.58
C PRO B 108 13.62 -6.42 -7.26
N LYS B 109 14.00 -7.49 -7.94
CA LYS B 109 15.26 -7.55 -8.65
C LYS B 109 15.28 -6.49 -9.74
N LEU B 110 14.20 -6.38 -10.51
CA LEU B 110 14.12 -5.40 -11.60
C LEU B 110 14.04 -3.99 -11.03
N GLY B 111 13.32 -3.85 -9.92
CA GLY B 111 13.29 -2.58 -9.19
C GLY B 111 14.69 -2.16 -8.73
N LYS B 112 15.49 -3.09 -8.17
CA LYS B 112 16.88 -2.79 -7.78
C LYS B 112 17.73 -2.23 -8.93
N GLU B 113 17.61 -2.85 -10.10
CA GLU B 113 18.34 -2.36 -11.28
C GLU B 113 18.03 -0.88 -11.57
N ALA B 114 16.75 -0.53 -11.54
CA ALA B 114 16.34 0.85 -11.77
C ALA B 114 16.86 1.74 -10.64
N ALA B 115 16.78 1.24 -9.40
CA ALA B 115 17.22 2.02 -8.23
C ALA B 115 18.71 2.32 -8.27
N VAL B 116 19.51 1.33 -8.68
CA VAL B 116 20.94 1.55 -8.74
C VAL B 116 21.25 2.71 -9.70
N LYS B 117 20.55 2.77 -10.83
CA LYS B 117 20.77 3.84 -11.80
C LYS B 117 20.36 5.20 -11.24
N ALA B 118 19.20 5.26 -10.57
CA ALA B 118 18.75 6.52 -9.98
C ALA B 118 19.71 7.02 -8.92
N ILE B 119 20.20 6.13 -8.07
CA ILE B 119 21.09 6.47 -7.00
C ILE B 119 22.43 6.95 -7.58
N LYS B 120 22.89 6.33 -8.66
CA LYS B 120 24.13 6.80 -9.29
C LYS B 120 23.98 8.23 -9.83
N GLU B 121 22.85 8.51 -10.46
CA GLU B 121 22.61 9.86 -11.02
C GLU B 121 22.53 10.87 -9.89
N TRP B 122 21.76 10.54 -8.87
CA TRP B 122 21.66 11.35 -7.65
C TRP B 122 23.04 11.70 -7.10
N GLY B 123 23.91 10.71 -7.02
CA GLY B 123 25.31 10.95 -6.72
C GLY B 123 25.67 10.95 -5.25
N GLN B 124 24.69 10.70 -4.40
CA GLN B 124 24.88 10.69 -2.96
C GLN B 124 24.97 9.25 -2.39
N PRO B 125 25.55 9.09 -1.20
CA PRO B 125 25.62 7.78 -0.56
C PRO B 125 24.23 7.20 -0.32
N LYS B 126 24.06 5.92 -0.61
CA LYS B 126 22.77 5.29 -0.37
C LYS B 126 22.37 5.27 1.08
N SER B 127 23.32 5.43 1.99
CA SER B 127 22.97 5.52 3.43
C SER B 127 22.11 6.75 3.73
N LYS B 128 22.11 7.72 2.83
CA LYS B 128 21.30 8.94 2.99
C LYS B 128 19.83 8.77 2.60
N ILE B 129 19.46 7.62 2.03
CA ILE B 129 18.04 7.35 1.79
C ILE B 129 17.35 7.09 3.11
N THR B 130 16.24 7.78 3.34
CA THR B 130 15.56 7.72 4.61
C THR B 130 14.26 6.97 4.47
N HIS B 131 13.73 6.95 3.24
CA HIS B 131 12.41 6.40 2.97
C HIS B 131 12.41 5.56 1.69
N VAL B 132 11.59 4.50 1.64
CA VAL B 132 11.44 3.69 0.44
C VAL B 132 9.97 3.51 0.15
N VAL B 133 9.53 3.86 -1.06
CA VAL B 133 8.16 3.58 -1.50
C VAL B 133 8.24 2.59 -2.68
N PHE B 134 7.66 1.40 -2.49
CA PHE B 134 7.67 0.35 -3.53
C PHE B 134 6.25 0.15 -4.03
N CYS B 135 6.10 0.13 -5.34
CA CYS B 135 4.81 0.02 -5.98
C CYS B 135 4.83 -1.05 -7.05
N THR B 136 3.89 -1.97 -6.95
CA THR B 136 3.69 -2.93 -8.02
C THR B 136 2.23 -3.37 -8.12
N THR B 137 1.91 -3.99 -9.25
CA THR B 137 0.63 -4.66 -9.49
C THR B 137 0.84 -6.15 -9.75
N SER B 138 2.10 -6.60 -9.55
N SER B 138 2.09 -6.59 -9.54
CA SER B 138 2.55 -7.92 -9.93
CA SER B 138 2.51 -7.92 -9.92
C SER B 138 2.97 -8.74 -8.72
C SER B 138 2.96 -8.73 -8.72
N GLY B 139 2.00 -9.40 -8.08
CA GLY B 139 2.28 -10.29 -6.96
C GLY B 139 2.20 -9.62 -5.60
N VAL B 140 2.08 -10.43 -4.56
CA VAL B 140 2.14 -9.96 -3.16
C VAL B 140 2.86 -10.97 -2.30
N ASP B 141 3.50 -10.45 -1.26
CA ASP B 141 4.26 -11.30 -0.34
C ASP B 141 4.51 -10.59 0.99
N MET B 142 4.83 -11.38 2.01
CA MET B 142 5.20 -10.91 3.34
C MET B 142 6.47 -11.58 3.80
N PRO B 143 7.52 -10.81 4.12
CA PRO B 143 7.65 -9.35 3.91
C PRO B 143 7.51 -8.98 2.46
N GLY B 144 7.31 -7.70 2.18
CA GLY B 144 7.03 -7.25 0.84
C GLY B 144 8.26 -6.97 -0.01
N ALA B 145 8.01 -6.59 -1.27
CA ALA B 145 9.09 -6.22 -2.17
C ALA B 145 9.91 -5.05 -1.64
N ASP B 146 9.30 -4.21 -0.80
CA ASP B 146 10.01 -3.10 -0.19
C ASP B 146 11.16 -3.54 0.71
N TYR B 147 10.89 -4.54 1.54
CA TYR B 147 11.90 -5.21 2.34
C TYR B 147 12.96 -5.85 1.45
N GLN B 148 12.53 -6.59 0.44
CA GLN B 148 13.51 -7.23 -0.44
C GLN B 148 14.43 -6.22 -1.10
N LEU B 149 13.90 -5.08 -1.54
CA LEU B 149 14.73 -4.04 -2.16
C LEU B 149 15.73 -3.46 -1.16
N THR B 150 15.23 -3.22 0.05
CA THR B 150 16.06 -2.67 1.10
C THR B 150 17.27 -3.58 1.36
N LYS B 151 17.03 -4.87 1.34
CA LYS B 151 18.06 -5.86 1.57
C LYS B 151 19.02 -5.93 0.40
N LEU B 152 18.47 -5.96 -0.82
CA LEU B 152 19.27 -6.07 -2.04
C LEU B 152 20.21 -4.88 -2.25
N LEU B 153 19.75 -3.68 -1.85
CA LEU B 153 20.55 -2.47 -2.00
C LEU B 153 21.44 -2.20 -0.80
N GLY B 154 21.18 -2.86 0.32
CA GLY B 154 21.96 -2.62 1.52
C GLY B 154 21.68 -1.27 2.17
N LEU B 155 20.43 -0.84 2.10
CA LEU B 155 20.03 0.41 2.72
C LEU B 155 20.05 0.30 4.24
N ARG B 156 19.96 1.44 4.92
CA ARG B 156 19.95 1.42 6.36
C ARG B 156 18.71 0.66 6.84
N PRO B 157 18.87 -0.17 7.88
CA PRO B 157 17.71 -0.94 8.33
C PRO B 157 16.54 -0.11 8.79
N SER B 158 16.82 1.16 9.11
N SER B 158 16.81 1.16 9.13
CA SER B 158 15.83 2.06 9.66
CA SER B 158 15.76 2.04 9.66
C SER B 158 15.12 2.93 8.60
C SER B 158 15.12 2.93 8.61
N VAL B 159 15.22 2.57 7.33
CA VAL B 159 14.45 3.26 6.31
C VAL B 159 12.98 3.12 6.63
N LYS B 160 12.24 4.19 6.36
CA LYS B 160 10.78 4.18 6.50
C LYS B 160 10.13 3.77 5.18
N ARG B 161 9.40 2.66 5.21
CA ARG B 161 8.91 2.00 4.01
C ARG B 161 7.40 2.08 3.86
N LEU B 162 6.95 2.19 2.61
CA LEU B 162 5.56 2.01 2.27
C LEU B 162 5.48 1.04 1.11
N MET B 163 4.69 -0.02 1.30
CA MET B 163 4.57 -1.10 0.35
C MET B 163 3.22 -0.99 -0.31
N MET B 164 3.21 -0.58 -1.57
CA MET B 164 2.00 -0.34 -2.33
C MET B 164 1.79 -1.49 -3.29
N TYR B 165 0.89 -2.39 -2.92
CA TYR B 165 0.58 -3.61 -3.66
C TYR B 165 -0.76 -3.52 -4.41
N GLN B 166 -0.81 -4.26 -5.51
CA GLN B 166 -2.01 -4.39 -6.35
C GLN B 166 -2.54 -3.03 -6.76
N GLN B 167 -1.63 -2.15 -7.19
CA GLN B 167 -1.97 -0.74 -7.31
C GLN B 167 -2.59 -0.39 -8.64
N GLY B 168 -2.05 -0.91 -9.72
CA GLY B 168 -2.63 -0.64 -11.03
C GLY B 168 -2.03 0.61 -11.68
N SER B 170 -2.84 3.77 -12.33
CA SER B 170 -2.81 5.16 -11.90
C SER B 170 -1.64 5.42 -10.97
N ALA B 171 -0.90 4.36 -10.62
CA ALA B 171 -0.10 4.45 -9.41
C ALA B 171 1.30 5.03 -9.59
N GLY B 172 1.71 5.31 -10.81
CA GLY B 172 2.89 6.12 -11.05
C GLY B 172 2.63 7.52 -10.51
N ALA B 173 1.39 8.00 -10.67
CA ALA B 173 1.00 9.27 -10.06
C ALA B 173 0.91 9.13 -8.54
N THR B 174 0.33 8.04 -8.09
CA THR B 174 0.20 7.78 -6.65
C THR B 174 1.54 7.88 -5.91
N VAL B 175 2.58 7.28 -6.44
CA VAL B 175 3.84 7.26 -5.70
C VAL B 175 4.45 8.66 -5.67
N LEU B 176 4.13 9.48 -6.67
CA LEU B 176 4.56 10.87 -6.62
C LEU B 176 3.81 11.60 -5.52
N ARG B 177 2.50 11.37 -5.43
CA ARG B 177 1.69 11.95 -4.35
C ARG B 177 2.21 11.50 -2.97
N ILE B 178 2.53 10.22 -2.82
CA ILE B 178 3.09 9.71 -1.55
C ILE B 178 4.42 10.40 -1.24
N ALA B 179 5.32 10.36 -2.22
CA ALA B 179 6.69 10.85 -2.00
C ALA B 179 6.70 12.33 -1.66
N LYS B 180 5.78 13.07 -2.26
CA LYS B 180 5.68 14.52 -2.00
C LYS B 180 5.44 14.77 -0.50
N ASP B 181 4.48 14.08 0.09
CA ASP B 181 4.20 14.34 1.50
C ASP B 181 5.33 13.82 2.40
N LEU B 182 5.94 12.68 2.06
CA LEU B 182 7.06 12.15 2.85
C LEU B 182 8.21 13.14 2.84
N ALA B 183 8.57 13.61 1.65
CA ALA B 183 9.73 14.49 1.52
C ALA B 183 9.51 15.87 2.17
N GLU B 184 8.31 16.41 2.02
CA GLU B 184 8.05 17.79 2.43
C GLU B 184 7.85 17.89 3.93
N ASN B 185 7.41 16.79 4.53
CA ASN B 185 7.13 16.80 5.94
C ASN B 185 8.25 16.35 6.83
N ASN B 186 9.39 15.96 6.25
CA ASN B 186 10.49 15.42 7.00
C ASN B 186 11.83 16.00 6.59
N ARG B 187 12.40 16.81 7.47
CA ARG B 187 13.63 17.53 7.14
C ARG B 187 14.71 16.50 6.88
N GLY B 188 15.33 16.60 5.70
CA GLY B 188 16.44 15.73 5.37
C GLY B 188 15.98 14.46 4.67
N ALA B 189 14.67 14.27 4.53
CA ALA B 189 14.19 13.04 3.95
C ALA B 189 14.60 12.93 2.49
N ARG B 190 15.03 11.75 2.13
CA ARG B 190 15.36 11.43 0.76
C ARG B 190 14.66 10.10 0.44
N VAL B 191 13.69 10.16 -0.46
CA VAL B 191 12.75 9.05 -0.71
C VAL B 191 13.18 8.32 -1.98
N LEU B 192 13.48 7.03 -1.84
CA LEU B 192 13.61 6.16 -2.99
C LEU B 192 12.23 5.61 -3.38
N VAL B 193 11.79 5.95 -4.61
CA VAL B 193 10.51 5.50 -5.15
C VAL B 193 10.81 4.48 -6.22
N VAL B 194 10.19 3.33 -6.16
CA VAL B 194 10.31 2.32 -7.22
C VAL B 194 8.94 1.80 -7.60
N CYS B 195 8.67 1.85 -8.92
CA CYS B 195 7.57 1.13 -9.53
C CYS B 195 8.13 0.01 -10.41
N SER B 196 7.69 -1.21 -10.17
CA SER B 196 8.21 -2.35 -10.91
C SER B 196 7.08 -3.32 -11.27
N GLU B 197 6.99 -3.63 -12.55
CA GLU B 197 5.84 -4.35 -13.11
C GLU B 197 6.33 -5.46 -14.03
N ILE B 198 5.80 -6.64 -13.78
CA ILE B 198 6.13 -7.84 -14.54
C ILE B 198 4.85 -8.59 -14.90
N THR B 199 4.60 -8.79 -16.18
CA THR B 199 3.31 -9.28 -16.66
C THR B 199 3.08 -10.78 -16.51
N ALA B 200 3.99 -11.46 -15.83
CA ALA B 200 3.82 -12.88 -15.59
C ALA B 200 2.55 -13.20 -14.76
N VAL B 201 2.01 -12.19 -14.06
N VAL B 201 1.99 -12.20 -14.09
CA VAL B 201 0.79 -12.43 -13.30
CA VAL B 201 0.78 -12.47 -13.30
C VAL B 201 -0.48 -12.47 -14.15
C VAL B 201 -0.48 -12.51 -14.16
N THR B 202 -0.46 -11.86 -15.34
CA THR B 202 -1.61 -11.85 -16.23
C THR B 202 -1.47 -12.67 -17.48
N PHE B 203 -0.25 -13.04 -17.86
CA PHE B 203 -0.08 -13.75 -19.11
C PHE B 203 -0.84 -15.06 -19.08
N ARG B 204 -1.62 -15.31 -20.13
CA ARG B 204 -2.36 -16.56 -20.30
C ARG B 204 -2.75 -16.76 -21.75
N GLY B 205 -3.25 -17.94 -22.06
CA GLY B 205 -3.71 -18.25 -23.41
C GLY B 205 -4.96 -17.44 -23.76
N PRO B 206 -5.19 -17.18 -25.03
CA PRO B 206 -6.33 -16.41 -25.51
C PRO B 206 -7.62 -17.22 -25.60
N SER B 207 -8.76 -16.55 -25.47
CA SER B 207 -10.07 -17.19 -25.60
C SER B 207 -11.16 -16.24 -26.06
N ASP B 208 -12.09 -16.74 -26.87
CA ASP B 208 -13.19 -15.91 -27.35
C ASP B 208 -14.23 -15.77 -26.25
N THR B 209 -13.97 -16.38 -25.09
CA THR B 209 -14.81 -16.15 -23.92
C THR B 209 -14.21 -15.03 -23.05
N HIS B 210 -13.03 -14.55 -23.43
CA HIS B 210 -12.38 -13.46 -22.69
C HIS B 210 -11.76 -12.45 -23.65
N LEU B 211 -12.62 -11.77 -24.38
CA LEU B 211 -12.18 -10.78 -25.32
C LEU B 211 -11.49 -9.64 -24.58
N ASP B 212 -11.87 -9.36 -23.32
CA ASP B 212 -11.24 -8.27 -22.57
C ASP B 212 -9.74 -8.58 -22.44
N GLY B 213 -9.38 -9.85 -22.38
CA GLY B 213 -8.01 -10.26 -22.17
C GLY B 213 -7.08 -10.03 -23.35
N LEU B 214 -7.66 -9.87 -24.53
CA LEU B 214 -6.88 -9.58 -25.73
C LEU B 214 -6.20 -8.21 -25.66
N VAL B 215 -6.86 -7.26 -25.00
CA VAL B 215 -6.34 -5.92 -24.83
C VAL B 215 -5.06 -5.98 -23.98
N GLY B 216 -5.16 -6.54 -22.80
CA GLY B 216 -4.01 -6.71 -21.93
C GLY B 216 -2.91 -7.46 -22.65
N ALA B 217 -3.26 -8.50 -23.40
CA ALA B 217 -2.25 -9.32 -24.04
C ALA B 217 -1.51 -8.53 -25.11
N ALA B 218 -2.17 -7.50 -25.66
CA ALA B 218 -1.56 -6.66 -26.68
C ALA B 218 -0.77 -5.48 -26.09
N LEU B 219 -1.19 -4.98 -24.94
CA LEU B 219 -0.64 -3.72 -24.42
C LEU B 219 0.35 -3.84 -23.25
N PHE B 220 0.09 -4.76 -22.31
CA PHE B 220 0.86 -4.79 -21.06
C PHE B 220 2.30 -5.25 -21.30
N SER B 221 3.24 -4.67 -20.55
CA SER B 221 4.65 -4.95 -20.73
C SER B 221 5.42 -4.75 -19.42
N ASP B 222 6.71 -5.08 -19.42
CA ASP B 222 7.49 -5.13 -18.18
C ASP B 222 8.47 -3.97 -18.09
N GLY B 223 8.60 -3.42 -16.90
CA GLY B 223 9.59 -2.39 -16.69
C GLY B 223 9.59 -1.92 -15.27
N ALA B 224 10.67 -1.24 -14.89
CA ALA B 224 10.75 -0.61 -13.57
C ALA B 224 11.34 0.77 -13.69
N ALA B 225 10.84 1.69 -12.87
CA ALA B 225 11.39 3.04 -12.79
C ALA B 225 11.65 3.40 -11.32
N ALA B 226 12.73 4.11 -11.08
CA ALA B 226 13.09 4.59 -9.74
C ALA B 226 13.33 6.08 -9.73
N LEU B 227 12.90 6.71 -8.65
CA LEU B 227 13.16 8.12 -8.41
C LEU B 227 13.88 8.29 -7.09
N ILE B 228 14.60 9.40 -6.99
CA ILE B 228 14.93 9.96 -5.69
C ILE B 228 14.12 11.23 -5.57
N VAL B 229 13.37 11.36 -4.48
CA VAL B 229 12.59 12.57 -4.23
C VAL B 229 13.00 13.20 -2.91
N GLY B 230 13.13 14.51 -2.90
CA GLY B 230 13.51 15.22 -1.69
C GLY B 230 13.28 16.71 -1.80
N SER B 231 13.01 17.32 -0.64
CA SER B 231 12.92 18.76 -0.50
C SER B 231 14.27 19.32 -0.16
N ASP B 232 14.42 20.63 -0.31
CA ASP B 232 15.60 21.36 0.16
C ASP B 232 16.87 20.80 -0.44
N PRO B 233 16.98 20.84 -1.77
CA PRO B 233 18.14 20.22 -2.41
C PRO B 233 19.43 20.94 -1.99
N ASP B 234 20.52 20.18 -1.88
CA ASP B 234 21.82 20.75 -1.51
C ASP B 234 22.73 20.82 -2.74
N THR B 235 22.77 22.00 -3.35
CA THR B 235 23.53 22.18 -4.58
C THR B 235 25.04 21.99 -4.35
N SER B 236 25.52 22.23 -3.14
CA SER B 236 26.95 22.09 -2.84
C SER B 236 27.47 20.66 -2.98
N VAL B 237 26.59 19.68 -2.83
CA VAL B 237 26.99 18.28 -3.04
C VAL B 237 26.49 17.76 -4.39
N GLY B 238 25.85 18.63 -5.18
CA GLY B 238 25.45 18.30 -6.53
C GLY B 238 23.99 17.89 -6.73
N GLU B 239 23.14 18.15 -5.75
CA GLU B 239 21.72 17.85 -5.90
C GLU B 239 21.05 18.90 -6.77
N LYS B 240 20.23 18.46 -7.72
CA LYS B 240 19.44 19.41 -8.53
C LYS B 240 18.14 18.77 -8.95
N PRO B 241 17.01 19.38 -8.59
CA PRO B 241 15.75 18.80 -9.08
C PRO B 241 15.58 18.90 -10.59
N ILE B 242 14.88 17.91 -11.12
CA ILE B 242 14.53 17.80 -12.52
C ILE B 242 13.13 18.37 -12.74
N PHE B 243 12.22 17.97 -11.86
CA PHE B 243 10.88 18.53 -11.79
C PHE B 243 10.57 18.80 -10.33
N GLU B 244 9.72 19.80 -10.08
CA GLU B 244 9.24 20.03 -8.73
C GLU B 244 7.73 19.80 -8.71
N MET B 245 7.24 19.14 -7.67
CA MET B 245 5.83 18.89 -7.50
C MET B 245 5.14 20.06 -6.82
N VAL B 246 3.95 20.41 -7.30
CA VAL B 246 3.22 21.54 -6.74
C VAL B 246 1.96 21.08 -6.01
N SER B 247 1.24 20.14 -6.61
CA SER B 247 0.03 19.57 -5.99
C SER B 247 -0.24 18.20 -6.56
N ALA B 248 -1.01 17.39 -5.84
CA ALA B 248 -1.36 16.07 -6.33
C ALA B 248 -2.77 15.75 -5.88
N ALA B 249 -3.63 15.41 -6.82
CA ALA B 249 -5.05 15.19 -6.55
C ALA B 249 -5.48 13.83 -7.07
N GLN B 250 -6.67 13.38 -6.67
CA GLN B 250 -7.18 12.07 -7.08
C GLN B 250 -8.69 12.17 -7.11
N THR B 251 -9.31 11.56 -8.11
CA THR B 251 -10.78 11.56 -8.12
C THR B 251 -11.36 10.34 -8.87
N ILE B 252 -12.61 10.02 -8.54
CA ILE B 252 -13.31 8.90 -9.12
C ILE B 252 -14.29 9.49 -10.10
N LEU B 253 -14.26 9.03 -11.35
CA LEU B 253 -15.11 9.67 -12.33
C LEU B 253 -16.58 9.25 -12.16
N PRO B 254 -17.50 10.18 -12.41
CA PRO B 254 -18.92 9.80 -12.34
C PRO B 254 -19.32 8.79 -13.42
N ASP B 255 -20.32 7.95 -13.12
CA ASP B 255 -20.87 6.99 -14.08
C ASP B 255 -19.81 6.03 -14.61
N SER B 256 -18.84 5.67 -13.78
CA SER B 256 -17.73 4.83 -14.24
C SER B 256 -17.60 3.50 -13.48
N ASP B 257 -18.57 3.19 -12.64
CA ASP B 257 -18.52 2.01 -11.79
C ASP B 257 -18.27 0.76 -12.62
N GLY B 258 -17.26 -0.03 -12.24
CA GLY B 258 -16.97 -1.27 -12.94
C GLY B 258 -16.26 -1.13 -14.27
N ALA B 259 -15.77 0.07 -14.59
CA ALA B 259 -15.06 0.29 -15.86
C ALA B 259 -13.87 -0.63 -15.99
N ILE B 260 -13.12 -0.76 -14.92
CA ILE B 260 -11.98 -1.68 -14.89
C ILE B 260 -11.96 -2.37 -13.56
N ASP B 261 -12.30 -3.67 -13.55
CA ASP B 261 -12.05 -4.51 -12.38
C ASP B 261 -10.90 -5.49 -12.68
N GLY B 262 -10.10 -5.79 -11.65
CA GLY B 262 -9.01 -6.73 -11.77
C GLY B 262 -9.01 -7.60 -10.53
N HIS B 263 -9.12 -8.91 -10.72
CA HIS B 263 -9.24 -9.85 -9.62
C HIS B 263 -8.05 -10.82 -9.60
N LEU B 264 -7.44 -10.98 -8.42
CA LEU B 264 -6.37 -11.94 -8.22
C LEU B 264 -6.97 -13.28 -7.80
N ARG B 265 -6.83 -14.27 -8.66
CA ARG B 265 -7.52 -15.55 -8.54
C ARG B 265 -6.52 -16.67 -8.62
N GLU B 266 -7.00 -17.89 -8.40
CA GLU B 266 -6.13 -19.08 -8.52
C GLU B 266 -5.53 -19.23 -9.93
N VAL B 267 -6.16 -18.59 -10.93
CA VAL B 267 -5.64 -18.58 -12.30
C VAL B 267 -4.74 -17.37 -12.61
N GLY B 268 -4.42 -16.60 -11.57
CA GLY B 268 -3.67 -15.37 -11.71
C GLY B 268 -4.54 -14.13 -11.77
N LEU B 269 -3.95 -13.03 -12.26
CA LEU B 269 -4.69 -11.77 -12.32
C LEU B 269 -5.54 -11.67 -13.59
N VAL B 270 -6.82 -11.36 -13.42
CA VAL B 270 -7.80 -11.28 -14.52
C VAL B 270 -8.52 -9.94 -14.52
N PHE B 271 -8.57 -9.31 -15.69
CA PHE B 271 -9.21 -8.01 -15.87
C PHE B 271 -10.54 -8.13 -16.59
N HIS B 272 -11.49 -7.27 -16.19
CA HIS B 272 -12.81 -7.22 -16.78
C HIS B 272 -13.13 -5.78 -17.07
N LEU B 273 -13.58 -5.53 -18.29
CA LEU B 273 -13.75 -4.18 -18.76
C LEU B 273 -15.21 -3.88 -19.08
N LEU B 274 -15.67 -2.72 -18.68
CA LEU B 274 -16.98 -2.23 -19.06
C LEU B 274 -16.85 -0.77 -19.46
N LYS B 275 -17.94 -0.20 -19.96
CA LYS B 275 -18.04 1.23 -20.22
C LYS B 275 -16.98 1.72 -21.22
N ASP B 276 -17.07 3.00 -21.58
CA ASP B 276 -16.21 3.58 -22.58
C ASP B 276 -15.12 4.37 -21.84
N VAL B 277 -13.99 3.73 -21.60
CA VAL B 277 -12.97 4.33 -20.74
C VAL B 277 -12.33 5.54 -21.41
N PRO B 278 -11.98 5.44 -22.69
CA PRO B 278 -11.52 6.69 -23.32
C PRO B 278 -12.57 7.80 -23.26
N GLY B 279 -13.83 7.43 -23.49
CA GLY B 279 -14.94 8.39 -23.47
C GLY B 279 -15.14 8.98 -22.08
N LEU B 280 -15.02 8.15 -21.06
CA LEU B 280 -15.23 8.62 -19.70
C LEU B 280 -14.16 9.62 -19.31
N ILE B 281 -12.91 9.29 -19.62
CA ILE B 281 -11.79 10.18 -19.31
C ILE B 281 -11.89 11.51 -20.07
N SER B 282 -12.16 11.48 -21.37
CA SER B 282 -12.20 12.71 -22.14
C SER B 282 -13.32 13.62 -21.66
N LYS B 283 -14.44 13.01 -21.27
CA LYS B 283 -15.58 13.78 -20.83
C LYS B 283 -15.24 14.52 -19.54
N ASN B 284 -14.37 13.93 -18.73
CA ASN B 284 -14.21 14.41 -17.36
C ASN B 284 -12.88 15.10 -17.06
N ILE B 285 -11.92 15.02 -17.98
CA ILE B 285 -10.56 15.46 -17.65
C ILE B 285 -10.42 16.97 -17.43
N VAL B 286 -11.23 17.78 -18.10
CA VAL B 286 -11.17 19.22 -17.93
C VAL B 286 -11.54 19.62 -16.49
N LYS B 287 -12.42 18.86 -15.85
CA LYS B 287 -12.75 19.15 -14.46
C LYS B 287 -11.49 19.06 -13.59
N SER B 288 -10.66 18.04 -13.86
CA SER B 288 -9.41 17.85 -13.11
C SER B 288 -8.38 18.91 -13.46
N LEU B 289 -8.31 19.26 -14.74
CA LEU B 289 -7.44 20.34 -15.17
C LEU B 289 -7.86 21.65 -14.51
N ASP B 290 -9.15 21.96 -14.53
CA ASP B 290 -9.63 23.19 -13.90
C ASP B 290 -9.26 23.20 -12.42
N GLU B 291 -9.51 22.09 -11.73
CA GLU B 291 -9.26 22.07 -10.29
C GLU B 291 -7.79 22.33 -9.99
N ALA B 292 -6.92 21.76 -10.81
CA ALA B 292 -5.49 21.84 -10.57
C ALA B 292 -4.90 23.19 -10.97
N PHE B 293 -5.41 23.77 -12.05
CA PHE B 293 -4.77 24.95 -12.62
C PHE B 293 -5.51 26.27 -12.44
N LYS B 294 -6.79 26.23 -12.08
CA LYS B 294 -7.52 27.48 -11.91
C LYS B 294 -6.87 28.35 -10.82
N PRO B 295 -6.38 27.72 -9.73
CA PRO B 295 -5.68 28.50 -8.69
C PRO B 295 -4.37 29.12 -9.17
N LEU B 296 -3.82 28.58 -10.25
CA LEU B 296 -2.56 29.05 -10.80
C LEU B 296 -2.78 30.05 -11.93
N GLY B 297 -4.04 30.31 -12.26
CA GLY B 297 -4.38 31.23 -13.32
C GLY B 297 -4.10 30.68 -14.72
N ILE B 298 -4.14 29.36 -14.87
CA ILE B 298 -3.79 28.72 -16.14
C ILE B 298 -5.01 28.03 -16.72
N SER B 299 -5.34 28.34 -17.97
CA SER B 299 -6.50 27.76 -18.64
C SER B 299 -6.17 27.21 -20.02
N ASP B 300 -4.96 27.50 -20.49
CA ASP B 300 -4.53 27.05 -21.83
C ASP B 300 -3.80 25.70 -21.73
N TRP B 301 -4.47 24.61 -22.09
CA TRP B 301 -3.89 23.30 -21.85
C TRP B 301 -2.76 23.01 -22.85
N ASN B 302 -2.66 23.79 -23.92
CA ASN B 302 -1.50 23.64 -24.80
C ASN B 302 -0.26 24.37 -24.26
N SER B 303 -0.42 25.12 -23.17
CA SER B 303 0.72 25.83 -22.57
C SER B 303 1.45 24.98 -21.53
N LEU B 304 0.92 23.80 -21.27
CA LEU B 304 1.51 22.85 -20.34
C LEU B 304 2.35 21.80 -21.06
N PHE B 305 3.35 21.26 -20.37
CA PHE B 305 3.98 20.04 -20.84
C PHE B 305 3.17 18.88 -20.24
N TRP B 306 3.02 17.81 -21.04
CA TRP B 306 2.05 16.75 -20.76
C TRP B 306 2.67 15.38 -20.53
N ILE B 307 2.18 14.70 -19.48
CA ILE B 307 2.49 13.28 -19.23
C ILE B 307 1.17 12.58 -18.93
N ALA B 308 0.80 11.61 -19.75
CA ALA B 308 -0.43 10.86 -19.50
C ALA B 308 -0.17 9.38 -19.52
N HIS B 309 -0.71 8.69 -18.55
CA HIS B 309 -0.57 7.26 -18.55
C HIS B 309 -1.08 6.69 -19.89
N PRO B 310 -0.21 6.00 -20.61
CA PRO B 310 -0.58 5.48 -21.93
C PRO B 310 -1.35 4.15 -21.85
N GLY B 311 -2.55 4.21 -21.28
CA GLY B 311 -3.36 3.01 -21.08
C GLY B 311 -3.65 2.31 -22.38
N GLY B 312 -3.78 3.10 -23.44
CA GLY B 312 -3.91 2.61 -24.79
C GLY B 312 -3.97 3.85 -25.65
N PRO B 313 -3.95 3.68 -26.97
CA PRO B 313 -3.91 4.85 -27.86
C PRO B 313 -5.24 5.61 -27.94
N ALA B 314 -6.37 4.97 -27.68
CA ALA B 314 -7.64 5.66 -27.82
C ALA B 314 -7.82 6.70 -26.72
N ILE B 315 -7.34 6.41 -25.51
CA ILE B 315 -7.37 7.40 -24.44
C ILE B 315 -6.67 8.65 -24.92
N LEU B 316 -5.43 8.49 -25.40
CA LEU B 316 -4.61 9.63 -25.79
C LEU B 316 -5.23 10.38 -26.96
N ASP B 317 -5.73 9.63 -27.95
CA ASP B 317 -6.36 10.23 -29.11
C ASP B 317 -7.61 11.04 -28.75
N GLN B 318 -8.43 10.50 -27.87
CA GLN B 318 -9.69 11.15 -27.57
C GLN B 318 -9.48 12.36 -26.64
N VAL B 319 -8.47 12.30 -25.78
CA VAL B 319 -8.09 13.45 -24.96
C VAL B 319 -7.55 14.59 -25.82
N GLU B 320 -6.71 14.23 -26.78
CA GLU B 320 -6.11 15.19 -27.69
C GLU B 320 -7.20 15.93 -28.46
N ILE B 321 -8.21 15.19 -28.90
CA ILE B 321 -9.28 15.79 -29.68
C ILE B 321 -10.18 16.63 -28.79
N LYS B 322 -10.53 16.11 -27.62
CA LYS B 322 -11.38 16.86 -26.68
C LYS B 322 -10.79 18.22 -26.26
N LEU B 323 -9.50 18.26 -25.96
CA LEU B 323 -8.89 19.48 -25.47
C LEU B 323 -8.32 20.34 -26.59
N GLY B 324 -8.30 19.80 -27.79
CA GLY B 324 -7.63 20.47 -28.91
C GLY B 324 -6.14 20.61 -28.70
N LEU B 325 -5.51 19.57 -28.15
CA LEU B 325 -4.07 19.59 -27.96
C LEU B 325 -3.34 19.53 -29.30
N LYS B 326 -2.28 20.32 -29.44
CA LYS B 326 -1.35 20.18 -30.55
C LYS B 326 -0.78 18.75 -30.56
N GLU B 327 -0.43 18.28 -31.75
CA GLU B 327 0.15 16.95 -31.94
C GLU B 327 1.35 16.72 -31.04
N GLU B 328 2.16 17.76 -30.86
CA GLU B 328 3.41 17.61 -30.10
C GLU B 328 3.23 17.30 -28.63
N LYS B 329 2.06 17.60 -28.07
CA LYS B 329 1.93 17.51 -26.62
C LYS B 329 2.11 16.08 -26.14
N MET B 330 1.53 15.13 -26.86
CA MET B 330 1.55 13.73 -26.41
C MET B 330 2.77 12.97 -26.94
N ARG B 331 3.71 13.70 -27.56
CA ARG B 331 4.88 13.04 -28.16
C ARG B 331 5.64 12.14 -27.18
N ALA B 332 5.99 12.65 -26.01
CA ALA B 332 6.81 11.88 -25.09
C ALA B 332 6.03 10.65 -24.59
N THR B 333 4.75 10.84 -24.34
CA THR B 333 3.87 9.75 -23.90
C THR B 333 3.79 8.65 -24.96
N ARG B 334 3.58 9.06 -26.20
N ARG B 334 3.60 9.06 -26.19
CA ARG B 334 3.40 8.11 -27.30
CA ARG B 334 3.41 8.13 -27.30
C ARG B 334 4.70 7.40 -27.62
C ARG B 334 4.70 7.40 -27.62
N HIS B 335 5.81 8.06 -27.36
CA HIS B 335 7.12 7.48 -27.62
C HIS B 335 7.36 6.30 -26.68
N VAL B 336 7.03 6.50 -25.41
CA VAL B 336 7.21 5.45 -24.43
C VAL B 336 6.24 4.32 -24.72
N LEU B 337 5.00 4.65 -25.07
CA LEU B 337 4.06 3.62 -25.44
C LEU B 337 4.63 2.81 -26.59
N SER B 338 5.20 3.49 -27.57
CA SER B 338 5.68 2.81 -28.77
C SER B 338 6.88 1.93 -28.48
N GLU B 339 7.83 2.44 -27.70
CA GLU B 339 9.06 1.72 -27.47
C GLU B 339 9.01 0.72 -26.31
N TYR B 340 8.03 0.84 -25.42
CA TYR B 340 7.98 -0.01 -24.22
C TYR B 340 6.63 -0.63 -23.92
N GLY B 341 5.57 -0.18 -24.57
CA GLY B 341 4.22 -0.59 -24.21
C GLY B 341 3.75 -0.03 -22.89
N ASN B 342 2.62 -0.57 -22.41
CA ASN B 342 2.00 -0.12 -21.18
C ASN B 342 2.61 -0.91 -20.02
N MET B 343 3.57 -0.30 -19.33
CA MET B 343 4.24 -0.89 -18.17
C MET B 343 3.53 -0.52 -16.85
N SER B 344 2.21 -0.35 -16.95
N SER B 344 2.21 -0.40 -16.93
CA SER B 344 1.35 -0.07 -15.80
CA SER B 344 1.34 -0.08 -15.80
C SER B 344 1.87 1.11 -15.01
C SER B 344 1.93 1.08 -15.02
N SER B 345 2.09 0.94 -13.71
CA SER B 345 2.47 2.09 -12.87
C SER B 345 3.78 2.75 -13.25
N ALA B 346 4.72 2.01 -13.83
CA ALA B 346 6.03 2.60 -14.17
C ALA B 346 5.99 3.58 -15.36
N SER B 347 4.96 3.47 -16.20
CA SER B 347 4.97 4.12 -17.50
C SER B 347 5.17 5.65 -17.42
N VAL B 348 4.44 6.32 -16.55
CA VAL B 348 4.52 7.77 -16.52
C VAL B 348 5.88 8.23 -16.05
N LEU B 349 6.59 7.37 -15.30
CA LEU B 349 7.91 7.72 -14.78
C LEU B 349 8.93 7.55 -15.90
N PHE B 350 8.75 6.56 -16.77
CA PHE B 350 9.54 6.51 -18.02
C PHE B 350 9.28 7.77 -18.88
N ILE B 351 8.04 8.23 -18.92
CA ILE B 351 7.69 9.37 -19.76
C ILE B 351 8.34 10.65 -19.22
N LEU B 352 8.33 10.83 -17.89
CA LEU B 352 9.08 11.94 -17.31
C LEU B 352 10.54 11.88 -17.75
N ASP B 353 11.11 10.68 -17.75
CA ASP B 353 12.53 10.51 -18.10
C ASP B 353 12.80 10.89 -19.56
N GLU B 354 11.95 10.37 -20.44
CA GLU B 354 12.03 10.66 -21.87
C GLU B 354 11.93 12.17 -22.11
N MET B 355 11.00 12.84 -21.41
CA MET B 355 10.80 14.27 -21.62
C MET B 355 12.03 15.07 -21.23
N ARG B 356 12.58 14.79 -20.06
CA ARG B 356 13.70 15.60 -19.58
C ARG B 356 14.95 15.30 -20.41
N ARG B 357 15.08 14.06 -20.90
CA ARG B 357 16.25 13.70 -21.71
C ARG B 357 16.17 14.35 -23.08
N LYS B 358 14.99 14.29 -23.70
CA LYS B 358 14.80 14.95 -25.01
C LYS B 358 14.96 16.46 -24.89
N SER B 359 14.49 17.05 -23.80
CA SER B 359 14.63 18.48 -23.61
C SER B 359 16.10 18.90 -23.59
N ALA B 360 16.93 18.11 -22.89
CA ALA B 360 18.37 18.40 -22.85
C ALA B 360 19.02 18.20 -24.20
N LYS B 361 18.64 17.12 -24.89
CA LYS B 361 19.23 16.87 -26.20
C LYS B 361 18.89 17.99 -27.19
N ASP B 362 17.68 18.51 -27.09
CA ASP B 362 17.20 19.50 -28.04
C ASP B 362 17.63 20.93 -27.62
N GLY B 363 18.20 21.08 -26.43
CA GLY B 363 18.66 22.38 -25.97
C GLY B 363 17.56 23.40 -25.73
N VAL B 364 16.41 22.93 -25.24
CA VAL B 364 15.31 23.85 -24.93
C VAL B 364 15.49 24.40 -23.52
N ALA B 365 14.62 25.33 -23.14
CA ALA B 365 14.86 26.18 -21.97
C ALA B 365 14.62 25.50 -20.63
N THR B 366 13.82 24.44 -20.61
CA THR B 366 13.50 23.76 -19.35
C THR B 366 13.40 22.26 -19.55
N THR B 367 13.39 21.53 -18.44
CA THR B 367 13.24 20.08 -18.44
C THR B 367 11.87 19.64 -18.97
N GLY B 368 10.92 20.58 -19.00
CA GLY B 368 9.58 20.28 -19.49
C GLY B 368 9.35 20.92 -20.86
N GLU B 369 10.20 20.54 -21.82
CA GLU B 369 10.04 20.96 -23.20
C GLU B 369 10.08 22.48 -23.40
N GLY B 370 10.75 23.16 -22.47
CA GLY B 370 10.90 24.60 -22.51
C GLY B 370 9.77 25.38 -21.87
N LEU B 371 8.76 24.66 -21.38
CA LEU B 371 7.62 25.29 -20.75
C LEU B 371 7.81 25.31 -19.24
N GLU B 372 7.01 26.13 -18.55
CA GLU B 372 7.12 26.26 -17.11
C GLU B 372 6.29 25.24 -16.32
N TRP B 373 5.03 25.08 -16.70
CA TRP B 373 4.08 24.28 -15.92
C TRP B 373 3.70 23.04 -16.67
N GLY B 374 3.42 21.96 -15.94
CA GLY B 374 3.07 20.71 -16.56
C GLY B 374 2.10 19.88 -15.74
N VAL B 375 1.56 18.85 -16.35
CA VAL B 375 0.59 17.99 -15.70
C VAL B 375 0.89 16.55 -16.04
N LEU B 376 0.72 15.71 -15.03
CA LEU B 376 0.92 14.28 -15.11
C LEU B 376 -0.33 13.60 -14.64
N PHE B 377 -0.87 12.73 -15.49
CA PHE B 377 -2.07 11.95 -15.19
C PHE B 377 -1.81 10.48 -15.03
N GLY B 378 -2.41 9.91 -14.00
CA GLY B 378 -2.53 8.48 -13.89
C GLY B 378 -3.99 8.10 -14.05
N PHE B 379 -4.23 6.98 -14.72
CA PHE B 379 -5.56 6.43 -14.94
C PHE B 379 -5.59 4.99 -14.48
N GLY B 380 -6.62 4.62 -13.73
CA GLY B 380 -6.75 3.26 -13.27
C GLY B 380 -8.16 2.90 -12.83
N PRO B 381 -8.31 1.70 -12.27
CA PRO B 381 -9.58 1.21 -11.76
C PRO B 381 -10.24 2.23 -10.84
N GLY B 382 -11.55 2.37 -11.00
CA GLY B 382 -12.34 3.28 -10.19
C GLY B 382 -13.60 3.76 -10.85
N LEU B 383 -13.52 4.40 -12.00
CA LEU B 383 -12.29 4.82 -12.68
C LEU B 383 -11.64 5.96 -11.93
N THR B 384 -10.33 5.81 -11.64
CA THR B 384 -9.57 6.80 -10.93
C THR B 384 -8.70 7.61 -11.87
N VAL B 385 -8.80 8.93 -11.74
CA VAL B 385 -7.86 9.82 -12.39
C VAL B 385 -7.06 10.54 -11.31
N GLU B 386 -5.74 10.48 -11.45
CA GLU B 386 -4.80 11.20 -10.59
C GLU B 386 -4.17 12.32 -11.37
N THR B 387 -4.08 13.50 -10.77
CA THR B 387 -3.55 14.70 -11.43
C THR B 387 -2.46 15.33 -10.58
N VAL B 388 -1.24 15.32 -11.10
CA VAL B 388 -0.09 15.94 -10.45
C VAL B 388 0.35 17.18 -11.24
N VAL B 389 0.39 18.32 -10.57
CA VAL B 389 0.93 19.52 -11.16
C VAL B 389 2.43 19.56 -10.90
N LEU B 390 3.18 19.75 -11.98
CA LEU B 390 4.63 19.83 -11.97
C LEU B 390 5.11 21.18 -12.45
N HIS B 391 6.29 21.58 -11.98
CA HIS B 391 6.99 22.73 -12.51
C HIS B 391 8.33 22.23 -13.03
N SER B 392 8.70 22.72 -14.19
CA SER B 392 9.97 22.34 -14.79
C SER B 392 11.12 23.01 -14.07
N VAL B 393 12.34 22.70 -14.49
CA VAL B 393 13.52 23.37 -13.98
C VAL B 393 14.34 23.91 -15.17
N PRO B 394 14.93 25.10 -15.04
CA PRO B 394 15.66 25.64 -16.20
C PRO B 394 16.90 24.81 -16.56
N LEU B 395 17.16 24.70 -17.85
CA LEU B 395 18.35 24.03 -18.36
C LEU B 395 19.30 25.07 -18.92
#